data_8PVV
#
_entry.id   8PVV
#
_cell.length_a   1.00
_cell.length_b   1.00
_cell.length_c   1.00
_cell.angle_alpha   90.00
_cell.angle_beta   90.00
_cell.angle_gamma   90.00
#
_symmetry.space_group_name_H-M   'P 1'
#
loop_
_entity.id
_entity.type
_entity.pdbx_description
1 polymer 'Piwi protein'
2 polymer 'Archaeoglobus fulgidus AfAgo-N protein'
3 polymer 'RNA (30-MER)'
4 polymer 'DNA (51-MER)'
5 non-polymer 'MAGNESIUM ION'
6 water water
#
loop_
_entity_poly.entity_id
_entity_poly.type
_entity_poly.pdbx_seq_one_letter_code
_entity_poly.pdbx_strand_id
1 'polypeptide(L)'
;MMEYKIVENGLTYRIGNGASVPISNTGELIKGLRNYGPYEVPSLKYNQIALIHNNQFSSLINQLKSQISSKIDEVWHIHN
INISEFIYDSPHFDSIKSQVDNAIDTGVDGIMLVLPEYNTPLYYKLKSYLINSIPSQFMRYDILSNRNLTFYVDNLLVQF
VSKLGGKPWILNVDPEKGSDIIIGTGATRIDNVNLFCFAMVFKKDGTMLWNEISPIVTSSEYLTYLKSTIKKVVYGFKKS
NPDWDVEKLTLHVSGKRPKMKDGETKILKETVEELKKQEMVSRDVKYAILHLNETHPFWVMGDPNNRFHPYEGTKVKLSS
KRYLLTLLQPYLKRNGLEMVTPIKPLSVEIVSDNWTSEEYYHNVHEILDEIYYLSKMNWRGFRSRNLPVTVNYPKLVAGI
IANVNRYGGYPINPEGNRSLQTNPWFL
;
A
2 'polypeptide(L)'
;MGGSHHHHHHGMASENLYFQGGGGEIPLSSGNVNTPDVRSSGILYINIYPIVNYPETIKVSAIPYYEEFLPGKWKKRIGD
LIYLYGYGIENEFDEIDNSNALFGKIFRKYLLDILSENIATPWQLKELGSTLRLVKEITENYEFSNIIKLQYELIINVHH
WQNTNFGIIVDLKINILDRENNQRISYTKIKDKYGESVKKKIWVSVQAFHRHLTPEGKKYATAMRDKFNLLTGLLKEAFG
SSEDEKTFSTPDGEIKIVFKPLEIVEVSNNDGI
;
C
3 'polyribonucleotide' AGGAGGGCGGAGCCUAUGGAAAAACGCCAC R
4 'polydeoxyribonucleotide'
;(DG)(DC)(DC)(DG)(DC)(DG)(DC)(DC)(DG)(DG)(DT)(DG)(DG)(DC)(DG)(DT)(DT)(DT)(DT)(DT)
(DC)(DC)(DA)(DT)(DA)(DG)(DG)(DC)(DT)(DC)(DC)(DG)(DC)(DC)(DC)(DT)(DC)(DC)(DT)(DG)
(DC)(DC)(DA)(DG)(DA)(DG)(DT)(DT)(DC)(DG)(DC)
;
S
#
# COMPACT_ATOMS: atom_id res chain seq x y z
N MET A 1 25.46 -5.51 0.84
CA MET A 1 24.37 -6.20 1.55
C MET A 1 23.70 -5.28 2.56
N MET A 2 22.40 -5.49 2.76
CA MET A 2 21.59 -4.67 3.64
C MET A 2 21.24 -5.44 4.91
N GLU A 3 20.84 -4.69 5.93
CA GLU A 3 20.42 -5.26 7.20
C GLU A 3 18.92 -5.10 7.38
N TYR A 4 18.36 -5.88 8.30
CA TYR A 4 16.95 -5.81 8.61
C TYR A 4 16.72 -6.10 10.08
N LYS A 5 15.60 -5.60 10.59
CA LYS A 5 15.18 -5.83 11.97
C LYS A 5 13.68 -6.04 12.00
N ILE A 6 13.24 -6.96 12.86
CA ILE A 6 11.82 -7.32 12.96
C ILE A 6 11.22 -6.66 14.19
N VAL A 7 9.96 -6.24 14.07
CA VAL A 7 9.24 -5.70 15.21
C VAL A 7 9.22 -6.72 16.34
N GLU A 8 9.35 -6.22 17.57
CA GLU A 8 9.36 -7.10 18.73
C GLU A 8 8.06 -7.87 18.83
N ASN A 9 8.15 -9.13 19.23
CA ASN A 9 7.02 -10.05 19.20
C ASN A 9 6.09 -9.79 20.39
N GLY A 10 5.14 -10.70 20.59
CA GLY A 10 4.18 -10.54 21.67
C GLY A 10 2.99 -9.65 21.35
N LEU A 11 2.81 -9.28 20.08
CA LEU A 11 1.71 -8.40 19.72
C LEU A 11 0.37 -9.11 19.88
N THR A 12 -0.58 -8.45 20.54
CA THR A 12 -1.91 -9.00 20.76
C THR A 12 -2.94 -7.89 20.61
N TYR A 13 -4.14 -8.28 20.19
CA TYR A 13 -5.26 -7.35 20.25
C TYR A 13 -5.86 -7.34 21.65
N ARG A 14 -6.56 -6.25 21.97
CA ARG A 14 -7.25 -6.12 23.24
C ARG A 14 -8.72 -6.45 23.07
N ILE A 15 -9.27 -7.18 24.04
CA ILE A 15 -10.64 -7.67 23.94
C ILE A 15 -11.50 -6.95 24.98
N GLY A 16 -12.80 -7.21 24.98
CA GLY A 16 -13.72 -6.42 25.80
C GLY A 16 -13.49 -6.57 27.29
N ASN A 17 -13.32 -7.81 27.75
CA ASN A 17 -13.16 -8.07 29.17
C ASN A 17 -11.73 -7.88 29.65
N GLY A 18 -10.90 -7.17 28.89
CA GLY A 18 -9.54 -6.87 29.27
C GLY A 18 -8.53 -7.93 28.87
N ALA A 19 -8.96 -9.07 28.37
CA ALA A 19 -8.03 -10.12 27.95
C ALA A 19 -7.42 -9.76 26.60
N SER A 20 -6.65 -10.69 26.05
CA SER A 20 -5.99 -10.47 24.77
C SER A 20 -5.92 -11.79 24.01
N VAL A 21 -5.78 -11.67 22.69
CA VAL A 21 -5.71 -12.84 21.81
C VAL A 21 -4.47 -12.72 20.93
N PRO A 22 -3.87 -13.83 20.51
CA PRO A 22 -2.76 -13.75 19.56
C PRO A 22 -3.21 -13.16 18.23
N ILE A 23 -2.30 -12.44 17.58
CA ILE A 23 -2.59 -11.81 16.29
C ILE A 23 -2.42 -12.83 15.18
N SER A 24 -2.93 -12.50 13.99
CA SER A 24 -2.80 -13.25 12.75
C SER A 24 -3.56 -14.57 12.75
N ASN A 25 -4.23 -14.94 13.85
CA ASN A 25 -5.00 -16.17 13.92
C ASN A 25 -6.46 -15.80 14.10
N THR A 26 -7.23 -15.88 13.01
CA THR A 26 -8.61 -15.40 13.04
C THR A 26 -9.52 -16.28 13.88
N GLY A 27 -9.30 -17.61 13.85
CA GLY A 27 -10.16 -18.49 14.63
C GLY A 27 -10.08 -18.23 16.12
N GLU A 28 -8.87 -18.05 16.64
CA GLU A 28 -8.71 -17.72 18.05
C GLU A 28 -9.30 -16.35 18.37
N LEU A 29 -9.21 -15.40 17.44
CA LEU A 29 -9.82 -14.10 17.66
C LEU A 29 -11.33 -14.22 17.76
N ILE A 30 -11.94 -15.03 16.90
CA ILE A 30 -13.39 -15.21 16.94
C ILE A 30 -13.80 -15.93 18.22
N LYS A 31 -13.02 -16.93 18.64
CA LYS A 31 -13.31 -17.60 19.91
C LYS A 31 -13.20 -16.63 21.08
N GLY A 32 -12.19 -15.75 21.07
CA GLY A 32 -12.07 -14.76 22.12
C GLY A 32 -13.20 -13.76 22.11
N LEU A 33 -13.68 -13.40 20.92
CA LEU A 33 -14.84 -12.52 20.83
C LEU A 33 -16.07 -13.21 21.40
N ARG A 34 -16.24 -14.50 21.13
CA ARG A 34 -17.34 -15.24 21.75
C ARG A 34 -17.22 -15.20 23.27
N ASN A 35 -16.01 -15.43 23.79
CA ASN A 35 -15.82 -15.48 25.23
C ASN A 35 -16.07 -14.12 25.89
N TYR A 36 -15.57 -13.05 25.28
CA TYR A 36 -15.53 -11.74 25.95
C TYR A 36 -16.16 -10.60 25.17
N GLY A 37 -16.38 -10.72 23.88
CA GLY A 37 -17.02 -9.66 23.11
C GLY A 37 -16.03 -8.64 22.59
N PRO A 38 -16.55 -7.62 21.90
CA PRO A 38 -15.68 -6.58 21.35
C PRO A 38 -15.10 -5.72 22.46
N TYR A 39 -14.01 -5.02 22.12
CA TYR A 39 -13.37 -4.11 23.06
C TYR A 39 -14.34 -3.05 23.54
N GLU A 40 -15.08 -2.45 22.61
CA GLU A 40 -16.11 -1.45 22.94
C GLU A 40 -17.41 -1.88 22.27
N VAL A 41 -18.28 -2.53 23.03
CA VAL A 41 -19.60 -2.88 22.50
C VAL A 41 -20.42 -1.60 22.31
N PRO A 42 -20.98 -1.36 21.13
CA PRO A 42 -21.75 -0.13 20.92
C PRO A 42 -23.02 -0.13 21.77
N SER A 43 -23.46 1.08 22.11
CA SER A 43 -24.76 1.31 22.72
C SER A 43 -25.69 1.82 21.62
N LEU A 44 -26.81 1.15 21.43
CA LEU A 44 -27.70 1.41 20.30
C LEU A 44 -29.00 2.02 20.79
N LYS A 45 -29.46 3.05 20.09
CA LYS A 45 -30.67 3.77 20.49
C LYS A 45 -31.89 2.86 20.44
N TYR A 46 -32.10 2.19 19.30
CA TYR A 46 -33.28 1.37 19.11
C TYR A 46 -33.03 -0.11 19.32
N ASN A 47 -31.76 -0.54 19.41
CA ASN A 47 -31.41 -1.95 19.56
C ASN A 47 -32.05 -2.79 18.45
N GLN A 48 -32.11 -2.22 17.26
CA GLN A 48 -32.83 -2.85 16.15
C GLN A 48 -32.32 -2.26 14.84
N ILE A 49 -31.80 -3.12 13.96
CA ILE A 49 -31.34 -2.70 12.65
C ILE A 49 -32.29 -3.26 11.60
N ALA A 50 -32.08 -2.90 10.34
CA ALA A 50 -32.97 -3.28 9.26
C ALA A 50 -32.21 -4.06 8.20
N LEU A 51 -32.93 -4.96 7.52
CA LEU A 51 -32.40 -5.74 6.42
C LEU A 51 -33.24 -5.41 5.18
N ILE A 52 -32.67 -4.61 4.28
CA ILE A 52 -33.38 -4.15 3.10
C ILE A 52 -32.81 -4.87 1.89
N HIS A 53 -33.69 -5.47 1.09
CA HIS A 53 -33.29 -6.24 -0.08
C HIS A 53 -34.47 -6.29 -1.04
N ASN A 54 -34.39 -7.17 -2.04
CA ASN A 54 -35.48 -7.42 -2.94
C ASN A 54 -35.72 -8.91 -3.17
N ASN A 55 -34.86 -9.77 -2.63
CA ASN A 55 -34.98 -11.22 -2.79
C ASN A 55 -35.85 -11.77 -1.66
N GLN A 56 -37.12 -11.40 -1.70
CA GLN A 56 -38.07 -11.91 -0.73
C GLN A 56 -38.36 -13.38 -0.98
N PHE A 57 -38.68 -14.09 0.11
CA PHE A 57 -38.88 -15.54 0.07
C PHE A 57 -37.67 -16.26 -0.51
N SER A 58 -36.48 -15.85 -0.06
CA SER A 58 -35.23 -16.46 -0.50
C SER A 58 -34.58 -17.16 0.69
N SER A 59 -34.18 -18.41 0.49
CA SER A 59 -33.52 -19.15 1.56
C SER A 59 -32.15 -18.57 1.87
N LEU A 60 -31.44 -18.07 0.86
CA LEU A 60 -30.15 -17.43 1.11
C LEU A 60 -30.31 -16.19 1.98
N ILE A 61 -31.34 -15.39 1.73
CA ILE A 61 -31.58 -14.21 2.55
C ILE A 61 -31.92 -14.61 3.99
N ASN A 62 -32.73 -15.66 4.15
CA ASN A 62 -33.07 -16.13 5.49
C ASN A 62 -31.84 -16.62 6.24
N GLN A 63 -30.96 -17.35 5.55
CA GLN A 63 -29.71 -17.79 6.18
C GLN A 63 -28.82 -16.61 6.52
N LEU A 64 -28.79 -15.59 5.65
CA LEU A 64 -28.04 -14.38 5.93
C LEU A 64 -28.55 -13.71 7.21
N LYS A 65 -29.87 -13.59 7.33
CA LYS A 65 -30.45 -12.98 8.52
C LYS A 65 -30.16 -13.80 9.77
N SER A 66 -30.28 -15.12 9.68
CA SER A 66 -30.01 -15.97 10.83
C SER A 66 -28.55 -15.86 11.28
N GLN A 67 -27.62 -15.88 10.33
CA GLN A 67 -26.22 -15.72 10.66
C GLN A 67 -25.94 -14.34 11.25
N ILE A 68 -26.56 -13.30 10.69
CA ILE A 68 -26.37 -11.95 11.21
C ILE A 68 -26.81 -11.87 12.66
N SER A 69 -28.00 -12.39 12.95
CA SER A 69 -28.51 -12.36 14.31
C SER A 69 -27.63 -13.17 15.26
N SER A 70 -27.23 -14.37 14.83
CA SER A 70 -26.44 -15.24 15.70
C SER A 70 -25.10 -14.61 16.03
N LYS A 71 -24.42 -14.02 15.04
CA LYS A 71 -23.11 -13.45 15.30
C LYS A 71 -23.20 -12.11 16.01
N ILE A 72 -24.25 -11.31 15.74
CA ILE A 72 -24.42 -10.08 16.49
C ILE A 72 -24.66 -10.37 17.97
N ASP A 73 -25.51 -11.36 18.26
CA ASP A 73 -25.83 -11.66 19.66
C ASP A 73 -24.69 -12.39 20.35
N GLU A 74 -24.05 -13.36 19.68
CA GLU A 74 -23.16 -14.28 20.36
C GLU A 74 -21.69 -13.82 20.32
N VAL A 75 -21.14 -13.65 19.13
CA VAL A 75 -19.73 -13.32 19.02
C VAL A 75 -19.48 -11.82 19.15
N TRP A 76 -20.48 -10.99 18.85
CA TRP A 76 -20.35 -9.54 18.96
C TRP A 76 -21.05 -8.97 20.19
N HIS A 77 -21.85 -9.77 20.88
CA HIS A 77 -22.44 -9.41 22.18
C HIS A 77 -23.25 -8.12 22.11
N ILE A 78 -23.89 -7.85 20.98
CA ILE A 78 -24.90 -6.78 20.91
C ILE A 78 -26.23 -7.46 21.21
N HIS A 79 -26.52 -7.58 22.50
CA HIS A 79 -27.67 -8.36 22.94
C HIS A 79 -28.96 -7.58 22.74
N ASN A 80 -30.07 -8.31 22.76
CA ASN A 80 -31.40 -7.75 22.54
C ASN A 80 -31.52 -7.06 21.19
N ILE A 81 -30.78 -7.54 20.21
CA ILE A 81 -30.83 -6.96 18.88
C ILE A 81 -32.04 -7.50 18.12
N ASN A 82 -32.47 -6.74 17.11
CA ASN A 82 -33.60 -7.12 16.28
C ASN A 82 -33.31 -6.68 14.85
N ILE A 83 -33.55 -7.58 13.90
CA ILE A 83 -33.34 -7.28 12.49
C ILE A 83 -34.71 -7.28 11.81
N SER A 84 -35.13 -6.11 11.34
CA SER A 84 -36.35 -6.03 10.55
C SER A 84 -36.03 -6.39 9.10
N GLU A 85 -37.05 -6.33 8.25
CA GLU A 85 -36.88 -6.72 6.85
C GLU A 85 -37.73 -5.82 5.97
N PHE A 86 -37.10 -5.21 4.98
CA PHE A 86 -37.76 -4.31 4.04
C PHE A 86 -37.45 -4.78 2.63
N ILE A 87 -38.42 -4.64 1.72
CA ILE A 87 -38.29 -5.14 0.36
C ILE A 87 -38.65 -4.03 -0.61
N TYR A 88 -37.76 -3.75 -1.55
CA TYR A 88 -38.02 -2.80 -2.63
C TYR A 88 -38.36 -3.56 -3.91
N ASP A 89 -39.32 -3.01 -4.66
CA ASP A 89 -39.78 -3.69 -5.87
C ASP A 89 -38.67 -3.82 -6.90
N SER A 90 -37.91 -2.76 -7.13
CA SER A 90 -36.88 -2.73 -8.15
C SER A 90 -35.60 -2.16 -7.59
N PRO A 91 -34.44 -2.52 -8.16
CA PRO A 91 -33.17 -1.98 -7.69
C PRO A 91 -32.90 -0.53 -8.10
N HIS A 92 -33.89 0.18 -8.63
CA HIS A 92 -33.71 1.58 -8.94
C HIS A 92 -33.58 2.40 -7.66
N PHE A 93 -32.96 3.58 -7.79
CA PHE A 93 -32.63 4.37 -6.61
C PHE A 93 -33.87 4.82 -5.85
N ASP A 94 -34.96 5.12 -6.58
CA ASP A 94 -36.15 5.65 -5.92
C ASP A 94 -36.75 4.64 -4.95
N SER A 95 -36.85 3.38 -5.37
CA SER A 95 -37.50 2.37 -4.52
C SER A 95 -36.66 2.05 -3.29
N ILE A 96 -35.34 1.88 -3.47
CA ILE A 96 -34.49 1.60 -2.32
C ILE A 96 -34.44 2.80 -1.38
N LYS A 97 -34.49 4.02 -1.94
CA LYS A 97 -34.54 5.20 -1.10
C LYS A 97 -35.84 5.23 -0.29
N SER A 98 -36.96 4.88 -0.92
CA SER A 98 -38.22 4.81 -0.18
C SER A 98 -38.13 3.79 0.95
N GLN A 99 -37.52 2.63 0.68
CA GLN A 99 -37.42 1.60 1.70
C GLN A 99 -36.50 2.02 2.85
N VAL A 100 -35.37 2.68 2.54
CA VAL A 100 -34.51 3.12 3.63
C VAL A 100 -35.19 4.25 4.41
N ASP A 101 -36.01 5.06 3.74
CA ASP A 101 -36.80 6.06 4.47
C ASP A 101 -37.78 5.38 5.42
N ASN A 102 -38.46 4.33 4.97
CA ASN A 102 -39.34 3.59 5.86
C ASN A 102 -38.58 2.99 7.03
N ALA A 103 -37.41 2.42 6.77
CA ALA A 103 -36.61 1.82 7.84
C ALA A 103 -36.19 2.87 8.87
N ILE A 104 -35.80 4.05 8.40
CA ILE A 104 -35.45 5.14 9.32
C ILE A 104 -36.68 5.57 10.12
N ASP A 105 -37.83 5.68 9.44
CA ASP A 105 -39.05 6.11 10.12
C ASP A 105 -39.43 5.14 11.25
N THR A 106 -39.31 3.84 10.99
CA THR A 106 -39.54 2.86 12.05
C THR A 106 -38.58 3.07 13.21
N GLY A 107 -37.36 3.54 12.92
CA GLY A 107 -36.39 3.83 13.95
C GLY A 107 -35.38 2.72 14.06
N VAL A 108 -34.21 2.89 13.44
CA VAL A 108 -33.18 1.87 13.41
C VAL A 108 -31.83 2.51 13.70
N ASP A 109 -30.90 1.67 14.14
CA ASP A 109 -29.54 2.11 14.41
C ASP A 109 -28.61 1.92 13.22
N GLY A 110 -28.98 1.06 12.27
CA GLY A 110 -28.19 0.84 11.09
C GLY A 110 -29.02 0.20 10.01
N ILE A 111 -28.55 0.31 8.77
CA ILE A 111 -29.23 -0.24 7.61
C ILE A 111 -28.31 -1.26 6.97
N MET A 112 -28.82 -2.49 6.80
CA MET A 112 -28.07 -3.61 6.26
C MET A 112 -28.69 -3.92 4.89
N LEU A 113 -28.13 -3.31 3.85
CA LEU A 113 -28.74 -3.32 2.52
C LEU A 113 -28.12 -4.39 1.64
N VAL A 114 -28.95 -4.99 0.77
CA VAL A 114 -28.51 -6.01 -0.17
C VAL A 114 -28.78 -5.48 -1.57
N LEU A 115 -27.72 -5.19 -2.32
CA LEU A 115 -27.83 -4.77 -3.72
C LEU A 115 -27.78 -6.00 -4.62
N PRO A 116 -28.69 -6.12 -5.58
CA PRO A 116 -28.74 -7.36 -6.38
C PRO A 116 -27.48 -7.63 -7.17
N GLU A 117 -26.81 -6.60 -7.67
CA GLU A 117 -25.66 -6.79 -8.55
C GLU A 117 -24.81 -5.52 -8.51
N TYR A 118 -23.87 -5.41 -9.44
CA TYR A 118 -22.85 -4.36 -9.41
C TYR A 118 -23.29 -3.19 -10.27
N ASN A 119 -23.40 -2.01 -9.65
CA ASN A 119 -23.83 -0.81 -10.35
C ASN A 119 -23.23 0.39 -9.61
N THR A 120 -22.16 0.96 -10.18
CA THR A 120 -21.45 2.04 -9.49
C THR A 120 -22.30 3.28 -9.26
N PRO A 121 -23.02 3.84 -10.26
CA PRO A 121 -23.75 5.08 -9.98
C PRO A 121 -24.82 4.91 -8.93
N LEU A 122 -25.59 3.83 -8.99
CA LEU A 122 -26.59 3.57 -7.95
C LEU A 122 -25.93 3.43 -6.59
N TYR A 123 -24.84 2.66 -6.52
CA TYR A 123 -24.21 2.39 -5.23
C TYR A 123 -23.70 3.67 -4.59
N TYR A 124 -22.99 4.51 -5.34
CA TYR A 124 -22.51 5.75 -4.72
C TYR A 124 -23.63 6.76 -4.47
N LYS A 125 -24.54 6.93 -5.43
CA LYS A 125 -25.65 7.86 -5.24
C LYS A 125 -26.51 7.48 -4.04
N LEU A 126 -26.50 6.22 -3.64
CA LEU A 126 -27.30 5.80 -2.50
C LEU A 126 -26.48 5.72 -1.21
N LYS A 127 -25.18 5.39 -1.33
CA LYS A 127 -24.31 5.39 -0.16
C LYS A 127 -24.07 6.80 0.36
N SER A 128 -24.02 7.79 -0.53
CA SER A 128 -23.94 9.18 -0.09
C SER A 128 -25.15 9.54 0.76
N TYR A 129 -26.34 9.11 0.34
CA TYR A 129 -27.55 9.34 1.12
C TYR A 129 -27.48 8.62 2.47
N LEU A 130 -27.00 7.37 2.46
CA LEU A 130 -26.97 6.60 3.70
C LEU A 130 -25.99 7.18 4.72
N ILE A 131 -24.77 7.48 4.30
CA ILE A 131 -23.78 7.95 5.27
C ILE A 131 -24.19 9.30 5.85
N ASN A 132 -24.95 10.10 5.10
CA ASN A 132 -25.46 11.36 5.60
C ASN A 132 -26.58 11.17 6.62
N SER A 133 -27.10 9.97 6.79
CA SER A 133 -28.25 9.78 7.67
C SER A 133 -28.04 8.71 8.73
N ILE A 134 -27.35 7.62 8.42
CA ILE A 134 -27.31 6.48 9.34
C ILE A 134 -26.15 5.56 8.96
N PRO A 135 -25.60 4.79 9.90
CA PRO A 135 -24.64 3.74 9.51
C PRO A 135 -25.28 2.75 8.55
N SER A 136 -24.48 2.26 7.60
CA SER A 136 -24.98 1.43 6.52
C SER A 136 -23.97 0.36 6.17
N GLN A 137 -24.46 -0.71 5.55
CA GLN A 137 -23.61 -1.83 5.13
C GLN A 137 -24.23 -2.47 3.90
N PHE A 138 -23.58 -2.33 2.76
CA PHE A 138 -24.08 -2.88 1.51
C PHE A 138 -23.64 -4.32 1.35
N MET A 139 -24.45 -5.09 0.62
CA MET A 139 -24.08 -6.40 0.12
C MET A 139 -24.43 -6.49 -1.36
N ARG A 140 -23.71 -7.35 -2.07
CA ARG A 140 -24.04 -7.71 -3.44
C ARG A 140 -24.57 -9.13 -3.44
N TYR A 141 -25.77 -9.32 -4.00
CA TYR A 141 -26.41 -10.63 -3.96
C TYR A 141 -25.58 -11.67 -4.71
N ASP A 142 -25.00 -11.29 -5.84
CA ASP A 142 -24.14 -12.20 -6.59
C ASP A 142 -22.90 -12.59 -5.79
N ILE A 143 -22.28 -11.63 -5.11
CA ILE A 143 -21.11 -11.93 -4.30
C ILE A 143 -21.50 -12.77 -3.08
N LEU A 144 -22.65 -12.44 -2.47
CA LEU A 144 -23.11 -13.21 -1.31
C LEU A 144 -23.42 -14.65 -1.68
N SER A 145 -23.96 -14.86 -2.89
CA SER A 145 -24.31 -16.21 -3.34
C SER A 145 -23.06 -17.05 -3.54
N ASN A 146 -22.01 -16.47 -4.10
CA ASN A 146 -20.82 -17.22 -4.49
C ASN A 146 -19.78 -17.30 -3.38
N ARG A 147 -20.06 -16.77 -2.20
CA ARG A 147 -19.13 -16.82 -1.09
C ARG A 147 -19.71 -17.62 0.06
N ASN A 148 -18.82 -18.27 0.82
CA ASN A 148 -19.25 -18.95 2.03
C ASN A 148 -19.90 -17.95 2.97
N LEU A 149 -21.05 -18.34 3.52
CA LEU A 149 -21.86 -17.40 4.28
C LEU A 149 -21.16 -16.98 5.57
N THR A 150 -20.41 -17.88 6.19
CA THR A 150 -19.80 -17.58 7.49
C THR A 150 -18.75 -16.48 7.37
N PHE A 151 -17.80 -16.65 6.43
CA PHE A 151 -16.73 -15.65 6.29
C PHE A 151 -17.31 -14.31 5.87
N TYR A 152 -18.23 -14.33 4.91
CA TYR A 152 -18.89 -13.13 4.42
C TYR A 152 -19.60 -12.39 5.54
N VAL A 153 -20.38 -13.12 6.34
CA VAL A 153 -21.15 -12.47 7.40
C VAL A 153 -20.23 -11.96 8.49
N ASP A 154 -19.17 -12.71 8.82
CA ASP A 154 -18.25 -12.25 9.86
C ASP A 154 -17.54 -10.98 9.44
N ASN A 155 -17.11 -10.90 8.19
CA ASN A 155 -16.40 -9.69 7.75
C ASN A 155 -17.34 -8.51 7.65
N LEU A 156 -18.55 -8.70 7.08
CA LEU A 156 -19.47 -7.58 7.04
C LEU A 156 -19.88 -7.14 8.43
N LEU A 157 -19.88 -8.06 9.40
CA LEU A 157 -20.24 -7.68 10.76
C LEU A 157 -19.10 -6.95 11.46
N VAL A 158 -17.85 -7.30 11.18
CA VAL A 158 -16.75 -6.46 11.64
C VAL A 158 -16.93 -5.04 11.11
N GLN A 159 -17.17 -4.93 9.80
CA GLN A 159 -17.37 -3.63 9.17
C GLN A 159 -18.51 -2.86 9.81
N PHE A 160 -19.64 -3.54 10.04
CA PHE A 160 -20.86 -2.89 10.53
C PHE A 160 -20.75 -2.51 12.00
N VAL A 161 -20.15 -3.38 12.82
CA VAL A 161 -19.94 -3.04 14.23
C VAL A 161 -19.03 -1.83 14.35
N SER A 162 -17.97 -1.77 13.54
CA SER A 162 -17.12 -0.58 13.54
C SER A 162 -17.91 0.63 13.07
N LYS A 163 -18.74 0.47 12.04
CA LYS A 163 -19.54 1.58 11.54
C LYS A 163 -20.59 2.02 12.54
N LEU A 164 -21.11 1.08 13.35
CA LEU A 164 -22.14 1.42 14.32
C LEU A 164 -21.61 2.24 15.49
N GLY A 165 -20.30 2.42 15.58
CA GLY A 165 -19.70 3.11 16.69
C GLY A 165 -18.95 2.23 17.66
N GLY A 166 -18.72 0.96 17.32
CA GLY A 166 -18.00 0.07 18.18
C GLY A 166 -16.52 0.00 17.87
N LYS A 167 -15.78 -0.63 18.77
CA LYS A 167 -14.35 -0.89 18.59
C LYS A 167 -14.10 -2.37 18.72
N PRO A 168 -14.00 -3.10 17.61
CA PRO A 168 -13.79 -4.56 17.71
C PRO A 168 -12.52 -4.94 18.46
N TRP A 169 -11.42 -4.22 18.25
CA TRP A 169 -10.19 -4.51 18.95
C TRP A 169 -9.28 -3.30 18.86
N ILE A 170 -8.33 -3.23 19.80
CA ILE A 170 -7.23 -2.27 19.76
C ILE A 170 -5.95 -3.03 20.06
N LEU A 171 -4.83 -2.51 19.57
CA LEU A 171 -3.55 -3.15 19.83
C LEU A 171 -3.19 -3.03 21.31
N ASN A 172 -2.80 -4.15 21.91
CA ASN A 172 -2.32 -4.17 23.29
C ASN A 172 -0.82 -3.85 23.28
N VAL A 173 -0.52 -2.61 22.93
CA VAL A 173 0.85 -2.16 22.72
C VAL A 173 1.13 -1.02 23.69
N ASP A 174 2.43 -0.78 23.92
CA ASP A 174 2.88 0.22 24.88
C ASP A 174 2.31 1.58 24.54
N PRO A 175 1.66 2.27 25.48
CA PRO A 175 1.11 3.60 25.17
C PRO A 175 2.13 4.73 25.23
N GLU A 176 3.23 4.56 25.97
CA GLU A 176 4.32 5.54 25.95
C GLU A 176 5.31 5.28 24.82
N LYS A 177 4.87 4.57 23.78
CA LYS A 177 5.73 4.17 22.67
C LYS A 177 5.16 4.73 21.38
N GLY A 178 6.03 5.26 20.53
CA GLY A 178 5.60 5.82 19.27
C GLY A 178 5.16 7.27 19.37
N SER A 179 4.89 7.85 18.20
CA SER A 179 4.55 9.27 18.11
C SER A 179 3.24 9.56 18.85
N ASP A 180 3.05 10.84 19.16
CA ASP A 180 1.81 11.27 19.80
C ASP A 180 0.69 11.48 18.78
N ILE A 181 1.01 12.13 17.67
CA ILE A 181 0.03 12.48 16.64
C ILE A 181 0.55 12.00 15.30
N ILE A 182 -0.35 11.49 14.46
CA ILE A 182 -0.05 11.19 13.07
C ILE A 182 -1.13 11.83 12.19
N ILE A 183 -0.70 12.44 11.10
CA ILE A 183 -1.61 13.02 10.11
C ILE A 183 -1.33 12.33 8.79
N GLY A 184 -2.09 11.29 8.48
CA GLY A 184 -1.91 10.58 7.24
C GLY A 184 -2.54 11.31 6.05
N THR A 185 -2.11 10.90 4.86
CA THR A 185 -2.61 11.49 3.62
C THR A 185 -2.97 10.39 2.65
N GLY A 186 -4.04 10.62 1.89
CA GLY A 186 -4.41 9.72 0.81
C GLY A 186 -4.96 10.53 -0.35
N ALA A 187 -4.87 9.95 -1.54
CA ALA A 187 -5.22 10.67 -2.75
C ALA A 187 -5.95 9.76 -3.72
N THR A 188 -6.69 10.39 -4.63
CA THR A 188 -7.31 9.73 -5.76
C THR A 188 -7.13 10.62 -6.98
N ARG A 189 -6.74 10.02 -8.10
CA ARG A 189 -6.56 10.75 -9.34
C ARG A 189 -7.80 10.56 -10.20
N ILE A 190 -8.52 11.65 -10.45
CA ILE A 190 -9.68 11.66 -11.34
C ILE A 190 -9.36 12.59 -12.49
N ASP A 191 -9.30 12.03 -13.71
CA ASP A 191 -8.96 12.80 -14.91
C ASP A 191 -7.66 13.56 -14.73
N ASN A 192 -6.64 12.87 -14.19
CA ASN A 192 -5.31 13.42 -13.98
C ASN A 192 -5.32 14.58 -12.98
N VAL A 193 -6.25 14.56 -12.04
CA VAL A 193 -6.35 15.58 -11.00
C VAL A 193 -6.38 14.88 -9.65
N ASN A 194 -5.48 15.27 -8.76
CA ASN A 194 -5.37 14.64 -7.45
C ASN A 194 -6.28 15.33 -6.45
N LEU A 195 -7.07 14.53 -5.73
CA LEU A 195 -7.86 14.99 -4.60
C LEU A 195 -7.33 14.32 -3.35
N PHE A 196 -6.97 15.13 -2.35
CA PHE A 196 -6.28 14.64 -1.17
C PHE A 196 -7.21 14.65 0.05
N CYS A 197 -6.90 13.79 1.01
CA CYS A 197 -7.68 13.65 2.23
C CYS A 197 -6.74 13.38 3.38
N PHE A 198 -7.05 13.96 4.54
CA PHE A 198 -6.22 13.84 5.73
C PHE A 198 -6.95 13.06 6.82
N ALA A 199 -6.21 12.19 7.50
CA ALA A 199 -6.72 11.44 8.64
C ALA A 199 -5.95 11.88 9.87
N MET A 200 -6.68 12.28 10.91
CA MET A 200 -6.09 12.76 12.16
C MET A 200 -6.15 11.64 13.17
N VAL A 201 -5.00 11.04 13.47
CA VAL A 201 -4.89 9.93 14.39
C VAL A 201 -3.95 10.33 15.52
N PHE A 202 -4.43 10.23 16.76
CA PHE A 202 -3.61 10.59 17.91
C PHE A 202 -4.06 9.79 19.12
N LYS A 203 -3.21 9.78 20.13
CA LYS A 203 -3.43 9.03 21.37
C LYS A 203 -4.51 9.72 22.18
N LYS A 204 -5.61 9.01 22.46
CA LYS A 204 -6.61 9.53 23.39
C LYS A 204 -6.48 8.88 24.76
N ASP A 205 -6.49 7.56 24.82
CA ASP A 205 -6.43 6.80 26.07
C ASP A 205 -5.09 6.12 26.21
N GLY A 206 -4.02 6.79 25.80
CA GLY A 206 -2.71 6.16 25.72
C GLY A 206 -2.57 5.40 24.42
N THR A 207 -3.60 4.65 24.06
CA THR A 207 -3.64 3.94 22.79
C THR A 207 -3.88 4.93 21.66
N MET A 208 -3.23 4.71 20.53
CA MET A 208 -3.41 5.51 19.34
C MET A 208 -4.51 4.91 18.49
N LEU A 209 -5.53 5.71 18.17
CA LEU A 209 -6.63 5.26 17.34
C LEU A 209 -7.10 6.41 16.46
N TRP A 210 -7.68 6.06 15.32
CA TRP A 210 -8.16 7.06 14.38
C TRP A 210 -9.26 7.89 15.02
N ASN A 211 -9.16 9.21 14.87
CA ASN A 211 -10.10 10.12 15.52
C ASN A 211 -10.92 10.93 14.54
N GLU A 212 -10.29 11.62 13.60
CA GLU A 212 -11.00 12.52 12.70
C GLU A 212 -10.62 12.23 11.26
N ILE A 213 -11.45 12.73 10.34
CA ILE A 213 -11.22 12.62 8.91
C ILE A 213 -11.50 13.99 8.30
N SER A 214 -10.94 14.23 7.12
CA SER A 214 -11.03 15.52 6.47
C SER A 214 -11.78 15.43 5.15
N PRO A 215 -12.37 16.54 4.70
CA PRO A 215 -12.92 16.57 3.34
C PRO A 215 -11.80 16.56 2.31
N ILE A 216 -12.18 16.25 1.06
CA ILE A 216 -11.21 16.23 -0.01
C ILE A 216 -10.73 17.65 -0.30
N VAL A 217 -9.42 17.79 -0.51
CA VAL A 217 -8.81 19.09 -0.78
C VAL A 217 -8.12 19.04 -2.14
N THR A 218 -8.22 20.14 -2.88
CA THR A 218 -7.52 20.28 -4.14
C THR A 218 -6.02 20.42 -3.87
N SER A 219 -5.20 20.06 -4.86
CA SER A 219 -3.76 20.17 -4.72
C SER A 219 -3.34 21.62 -4.45
N SER A 220 -4.06 22.59 -5.03
CA SER A 220 -3.74 23.99 -4.79
C SER A 220 -3.96 24.37 -3.33
N GLU A 221 -5.04 23.87 -2.72
CA GLU A 221 -5.37 24.15 -1.34
C GLU A 221 -4.84 23.08 -0.38
N TYR A 222 -3.94 22.23 -0.86
CA TYR A 222 -3.46 21.11 -0.05
C TYR A 222 -2.59 21.60 1.12
N LEU A 223 -1.70 22.56 0.86
CA LEU A 223 -0.74 22.98 1.87
C LEU A 223 -1.40 23.80 2.98
N THR A 224 -2.26 24.75 2.62
CA THR A 224 -2.96 25.53 3.62
C THR A 224 -3.83 24.65 4.51
N TYR A 225 -4.52 23.68 3.91
CA TYR A 225 -5.36 22.80 4.71
C TYR A 225 -4.52 21.86 5.55
N LEU A 226 -3.33 21.49 5.09
CA LEU A 226 -2.43 20.70 5.93
C LEU A 226 -1.97 21.50 7.14
N LYS A 227 -1.69 22.79 6.93
CA LYS A 227 -1.36 23.69 8.04
C LYS A 227 -2.49 23.74 9.07
N SER A 228 -3.71 24.01 8.59
CA SER A 228 -4.86 24.05 9.48
C SER A 228 -5.07 22.71 10.17
N THR A 229 -4.80 21.62 9.46
CA THR A 229 -4.95 20.28 10.03
C THR A 229 -3.96 20.06 11.17
N ILE A 230 -2.70 20.48 11.00
CA ILE A 230 -1.72 20.33 12.07
C ILE A 230 -2.17 21.10 13.30
N LYS A 231 -2.58 22.36 13.11
CA LYS A 231 -3.00 23.17 14.25
C LYS A 231 -4.21 22.55 14.94
N LYS A 232 -5.20 22.13 14.14
CA LYS A 232 -6.42 21.55 14.70
C LYS A 232 -6.14 20.25 15.44
N VAL A 233 -5.26 19.41 14.89
CA VAL A 233 -5.01 18.11 15.49
C VAL A 233 -4.24 18.27 16.79
N VAL A 234 -3.29 19.21 16.86
CA VAL A 234 -2.58 19.40 18.13
C VAL A 234 -3.51 20.01 19.17
N TYR A 235 -4.39 20.93 18.75
CA TYR A 235 -5.38 21.47 19.68
C TYR A 235 -6.29 20.38 20.19
N GLY A 236 -6.76 19.49 19.30
CA GLY A 236 -7.62 18.40 19.73
C GLY A 236 -6.93 17.42 20.64
N PHE A 237 -5.65 17.14 20.38
CA PHE A 237 -4.89 16.27 21.26
C PHE A 237 -4.79 16.87 22.66
N LYS A 238 -4.42 18.16 22.74
CA LYS A 238 -4.33 18.79 24.05
C LYS A 238 -5.67 18.84 24.75
N LYS A 239 -6.75 19.03 23.98
CA LYS A 239 -8.09 18.97 24.57
C LYS A 239 -8.39 17.60 25.13
N SER A 240 -8.00 16.54 24.41
CA SER A 240 -8.42 15.19 24.77
C SER A 240 -7.76 14.72 26.06
N ASN A 241 -6.44 14.88 26.17
CA ASN A 241 -5.72 14.45 27.37
C ASN A 241 -4.74 15.54 27.81
N PRO A 242 -5.13 16.38 28.76
CA PRO A 242 -4.15 17.25 29.42
C PRO A 242 -3.21 16.43 30.30
N ASP A 243 -2.27 17.09 30.96
CA ASP A 243 -1.15 16.48 31.69
C ASP A 243 -0.17 15.79 30.76
N TRP A 244 -0.41 15.80 29.45
CA TRP A 244 0.49 15.26 28.45
C TRP A 244 0.99 16.39 27.57
N ASP A 245 2.23 16.23 27.09
CA ASP A 245 2.83 17.22 26.20
C ASP A 245 3.06 16.57 24.84
N VAL A 246 2.93 17.38 23.79
CA VAL A 246 3.16 16.89 22.43
C VAL A 246 4.67 16.79 22.22
N GLU A 247 5.15 15.57 21.99
CA GLU A 247 6.58 15.32 21.84
C GLU A 247 6.98 14.85 20.44
N LYS A 248 6.15 14.03 19.80
CA LYS A 248 6.43 13.52 18.48
C LYS A 248 5.20 13.69 17.59
N LEU A 249 5.39 14.28 16.41
CA LEU A 249 4.33 14.44 15.44
C LEU A 249 4.83 13.93 14.10
N THR A 250 4.23 12.85 13.62
CA THR A 250 4.60 12.23 12.36
C THR A 250 3.51 12.48 11.34
N LEU A 251 3.88 12.67 10.09
CA LEU A 251 2.93 12.97 9.02
C LEU A 251 3.16 11.99 7.89
N HIS A 252 2.11 11.27 7.50
CA HIS A 252 2.18 10.22 6.49
C HIS A 252 1.62 10.75 5.18
N VAL A 253 2.35 10.54 4.09
CA VAL A 253 1.95 11.00 2.76
C VAL A 253 1.85 9.80 1.84
N SER A 254 0.75 9.72 1.10
CA SER A 254 0.56 8.70 0.09
C SER A 254 -0.03 9.33 -1.16
N GLY A 255 0.25 8.73 -2.31
CA GLY A 255 -0.21 9.25 -3.57
C GLY A 255 0.53 10.46 -4.08
N LYS A 256 1.58 10.88 -3.39
CA LYS A 256 2.33 12.08 -3.75
C LYS A 256 3.67 12.04 -3.04
N ARG A 257 4.72 12.48 -3.73
CA ARG A 257 5.91 12.57 -2.89
C ARG A 257 5.91 13.89 -2.12
N PRO A 258 6.27 13.87 -0.84
CA PRO A 258 6.42 15.12 -0.10
C PRO A 258 7.62 15.90 -0.59
N LYS A 259 7.54 17.22 -0.46
CA LYS A 259 8.66 18.08 -0.81
C LYS A 259 9.62 18.16 0.37
N MET A 260 10.89 17.83 0.12
CA MET A 260 11.89 17.80 1.19
C MET A 260 12.21 19.19 1.73
N LYS A 261 11.81 20.24 1.03
CA LYS A 261 11.95 21.61 1.50
C LYS A 261 11.05 22.48 0.63
N ASP A 262 10.55 23.57 1.20
CA ASP A 262 9.66 24.50 0.51
C ASP A 262 8.37 23.81 0.07
N GLY A 263 7.92 22.83 0.85
CA GLY A 263 6.67 22.14 0.57
C GLY A 263 5.94 21.76 1.84
N GLU A 264 5.55 20.49 1.95
CA GLU A 264 5.00 19.99 3.20
C GLU A 264 5.95 20.20 4.36
N THR A 265 7.26 20.11 4.10
CA THR A 265 8.24 20.37 5.14
C THR A 265 8.19 21.81 5.62
N LYS A 266 8.06 22.76 4.68
CA LYS A 266 7.99 24.17 5.05
C LYS A 266 6.75 24.45 5.90
N ILE A 267 5.60 23.95 5.46
CA ILE A 267 4.35 24.19 6.19
C ILE A 267 4.42 23.57 7.57
N LEU A 268 4.89 22.33 7.66
CA LEU A 268 4.95 21.67 8.95
C LEU A 268 5.93 22.36 9.89
N LYS A 269 7.08 22.80 9.36
CA LYS A 269 8.06 23.51 10.19
C LYS A 269 7.49 24.81 10.72
N GLU A 270 6.83 25.58 9.86
CA GLU A 270 6.24 26.84 10.29
C GLU A 270 5.13 26.61 11.33
N THR A 271 4.31 25.58 11.11
CA THR A 271 3.28 25.26 12.10
C THR A 271 3.88 24.90 13.45
N VAL A 272 4.95 24.10 13.44
CA VAL A 272 5.58 23.72 14.69
C VAL A 272 6.16 24.95 15.39
N GLU A 273 6.78 25.85 14.62
CA GLU A 273 7.30 27.08 15.21
C GLU A 273 6.18 27.88 15.86
N GLU A 274 5.06 28.04 15.17
CA GLU A 274 3.93 28.79 15.73
C GLU A 274 3.39 28.10 16.97
N LEU A 275 3.27 26.78 16.93
CA LEU A 275 2.68 26.04 18.05
C LEU A 275 3.56 26.12 19.29
N LYS A 276 4.87 26.00 19.13
CA LYS A 276 5.74 26.18 20.28
C LYS A 276 5.84 27.64 20.70
N LYS A 277 5.47 28.57 19.81
CA LYS A 277 5.36 29.97 20.22
C LYS A 277 4.23 30.16 21.24
N GLN A 278 3.15 29.39 21.11
CA GLN A 278 2.06 29.41 22.08
C GLN A 278 2.22 28.35 23.15
N GLU A 279 3.39 27.70 23.22
CA GLU A 279 3.68 26.67 24.22
C GLU A 279 2.66 25.54 24.18
N MET A 280 2.22 25.17 22.97
CA MET A 280 1.30 24.07 22.81
C MET A 280 2.04 22.75 22.61
N VAL A 281 3.16 22.77 21.89
CA VAL A 281 4.00 21.60 21.72
C VAL A 281 5.27 21.78 22.54
N SER A 282 5.95 20.67 22.81
CA SER A 282 7.17 20.72 23.60
C SER A 282 8.27 21.46 22.85
N ARG A 283 9.20 22.02 23.60
CA ARG A 283 10.38 22.64 22.98
C ARG A 283 11.21 21.60 22.23
N ASP A 284 11.38 20.42 22.82
CA ASP A 284 12.07 19.31 22.17
C ASP A 284 11.10 18.46 21.36
N VAL A 285 10.32 19.12 20.50
CA VAL A 285 9.35 18.41 19.65
C VAL A 285 10.08 17.86 18.43
N LYS A 286 9.81 16.61 18.11
CA LYS A 286 10.45 15.93 16.99
C LYS A 286 9.39 15.56 15.97
N TYR A 287 9.60 15.96 14.72
CA TYR A 287 8.64 15.71 13.66
C TYR A 287 9.29 14.94 12.52
N ALA A 288 8.45 14.45 11.61
CA ALA A 288 8.90 13.69 10.45
C ALA A 288 7.79 13.68 9.42
N ILE A 289 8.16 13.88 8.16
CA ILE A 289 7.25 13.75 7.03
C ILE A 289 7.64 12.48 6.28
N LEU A 290 6.69 11.57 6.12
CA LEU A 290 6.94 10.23 5.63
C LEU A 290 6.23 9.97 4.31
N HIS A 291 6.90 9.23 3.44
CA HIS A 291 6.35 8.80 2.17
C HIS A 291 6.10 7.30 2.23
N LEU A 292 4.86 6.89 1.99
CA LEU A 292 4.47 5.49 1.96
C LEU A 292 4.15 5.08 0.53
N ASN A 293 4.59 3.88 0.16
CA ASN A 293 4.64 3.50 -1.25
C ASN A 293 4.45 1.99 -1.37
N GLU A 294 3.66 1.58 -2.36
CA GLU A 294 3.51 0.17 -2.70
C GLU A 294 3.91 -0.18 -4.13
N THR A 295 4.06 0.80 -5.02
CA THR A 295 4.42 0.53 -6.41
C THR A 295 5.92 0.59 -6.64
N HIS A 296 6.71 0.27 -5.63
CA HIS A 296 8.15 0.12 -5.76
C HIS A 296 8.48 -1.21 -6.45
N PRO A 297 9.67 -1.32 -7.05
CA PRO A 297 10.01 -2.54 -7.79
C PRO A 297 10.64 -3.64 -6.95
N PHE A 298 10.50 -3.56 -5.62
CA PHE A 298 11.23 -4.45 -4.72
C PHE A 298 10.37 -5.62 -4.29
N TRP A 299 10.99 -6.80 -4.21
CA TRP A 299 10.37 -8.02 -3.72
C TRP A 299 11.32 -8.68 -2.73
N VAL A 300 10.77 -9.22 -1.64
CA VAL A 300 11.58 -9.79 -0.58
C VAL A 300 11.24 -11.26 -0.42
N MET A 301 12.27 -12.11 -0.39
CA MET A 301 12.15 -13.55 -0.22
C MET A 301 12.60 -13.91 1.19
N GLY A 302 11.85 -14.79 1.84
CA GLY A 302 12.09 -15.07 3.24
C GLY A 302 12.39 -16.51 3.59
N ASP A 303 11.92 -16.93 4.76
CA ASP A 303 12.22 -18.26 5.27
C ASP A 303 11.50 -19.31 4.43
N PRO A 304 12.20 -20.35 3.96
CA PRO A 304 11.52 -21.37 3.14
C PRO A 304 10.32 -22.02 3.80
N ASN A 305 10.36 -22.24 5.11
CA ASN A 305 9.22 -22.86 5.78
C ASN A 305 8.12 -21.85 6.11
N ASN A 306 8.36 -20.56 5.87
CA ASN A 306 7.33 -19.54 5.98
C ASN A 306 6.77 -19.15 4.62
N ARG A 307 6.71 -20.11 3.70
CA ARG A 307 6.27 -19.90 2.31
C ARG A 307 7.18 -18.90 1.59
N PHE A 308 8.46 -18.89 1.95
CA PHE A 308 9.46 -18.03 1.31
C PHE A 308 9.08 -16.56 1.42
N HIS A 309 8.46 -16.19 2.53
CA HIS A 309 8.03 -14.82 2.76
C HIS A 309 8.56 -14.33 4.10
N PRO A 310 8.88 -13.05 4.20
CA PRO A 310 9.33 -12.50 5.48
C PRO A 310 8.21 -12.48 6.50
N TYR A 311 8.58 -12.64 7.76
CA TYR A 311 7.62 -12.53 8.85
C TYR A 311 7.10 -11.10 8.95
N GLU A 312 5.83 -10.96 9.32
CA GLU A 312 5.23 -9.65 9.41
C GLU A 312 5.94 -8.81 10.47
N GLY A 313 6.14 -7.53 10.15
CA GLY A 313 6.93 -6.67 11.00
C GLY A 313 8.40 -6.64 10.66
N THR A 314 8.79 -7.09 9.47
CA THR A 314 10.18 -7.06 9.05
C THR A 314 10.49 -5.72 8.40
N LYS A 315 11.53 -5.06 8.89
CA LYS A 315 11.95 -3.75 8.38
C LYS A 315 13.30 -3.91 7.70
N VAL A 316 13.32 -3.74 6.39
CA VAL A 316 14.52 -3.94 5.59
C VAL A 316 15.12 -2.58 5.27
N LYS A 317 16.37 -2.38 5.64
CA LYS A 317 17.04 -1.10 5.52
C LYS A 317 17.59 -0.95 4.10
N LEU A 318 16.79 -0.33 3.23
CA LEU A 318 17.28 0.02 1.90
C LEU A 318 18.39 1.05 1.99
N SER A 319 18.16 2.13 2.73
CA SER A 319 19.15 3.16 2.98
C SER A 319 18.88 3.76 4.35
N SER A 320 19.54 4.87 4.65
CA SER A 320 19.32 5.55 5.92
C SER A 320 17.97 6.25 5.98
N LYS A 321 17.38 6.57 4.82
CA LYS A 321 16.12 7.30 4.77
C LYS A 321 14.96 6.48 4.21
N ARG A 322 15.22 5.36 3.54
CA ARG A 322 14.17 4.54 2.94
C ARG A 322 14.22 3.14 3.53
N TYR A 323 13.04 2.62 3.84
CA TYR A 323 12.90 1.31 4.47
C TYR A 323 11.82 0.51 3.76
N LEU A 324 12.00 -0.81 3.75
CA LEU A 324 10.96 -1.74 3.32
C LEU A 324 10.37 -2.41 4.54
N LEU A 325 9.03 -2.47 4.59
CA LEU A 325 8.32 -2.93 5.78
C LEU A 325 7.37 -4.06 5.37
N THR A 326 7.63 -5.25 5.89
CA THR A 326 6.77 -6.40 5.66
C THR A 326 5.62 -6.36 6.65
N LEU A 327 4.40 -6.40 6.14
CA LEU A 327 3.22 -6.26 6.97
C LEU A 327 2.30 -7.47 6.95
N LEU A 328 2.24 -8.21 5.85
CA LEU A 328 1.52 -9.47 5.85
C LEU A 328 2.45 -10.62 6.19
N GLN A 329 1.87 -11.81 6.28
CA GLN A 329 2.53 -13.04 6.64
C GLN A 329 1.55 -14.18 6.38
N PRO A 330 2.01 -15.33 5.89
CA PRO A 330 1.10 -16.48 5.77
C PRO A 330 0.53 -16.85 7.13
N TYR A 331 -0.78 -17.12 7.15
CA TYR A 331 -1.47 -17.41 8.40
C TYR A 331 -1.52 -18.91 8.63
N LEU A 332 -1.28 -19.31 9.88
CA LEU A 332 -1.45 -20.71 10.27
C LEU A 332 -2.91 -21.10 10.17
N LYS A 333 -3.14 -22.41 9.99
CA LYS A 333 -4.48 -22.96 9.91
C LYS A 333 -4.49 -24.24 10.73
N ARG A 334 -5.63 -24.96 10.71
CA ARG A 334 -5.73 -26.21 11.43
C ARG A 334 -4.76 -27.26 10.90
N ASN A 335 -4.28 -27.10 9.66
CA ASN A 335 -3.36 -28.03 9.04
C ASN A 335 -1.97 -27.46 8.81
N GLY A 336 -1.86 -26.16 8.55
CA GLY A 336 -0.56 -25.55 8.32
C GLY A 336 -0.72 -24.21 7.63
N LEU A 337 0.39 -23.71 7.11
CA LEU A 337 0.39 -22.44 6.40
C LEU A 337 -0.43 -22.56 5.11
N GLU A 338 -0.97 -21.43 4.67
CA GLU A 338 -1.83 -21.40 3.49
C GLU A 338 -1.06 -20.86 2.29
N MET A 339 -1.30 -21.49 1.14
CA MET A 339 -0.63 -21.08 -0.09
C MET A 339 -0.96 -19.63 -0.42
N VAL A 340 0.07 -18.85 -0.76
CA VAL A 340 -0.10 -17.43 -0.99
C VAL A 340 0.67 -17.01 -2.24
N THR A 341 0.13 -16.00 -2.92
CA THR A 341 0.85 -15.33 -3.98
C THR A 341 2.02 -14.56 -3.36
N PRO A 342 3.09 -14.32 -4.12
CA PRO A 342 4.16 -13.45 -3.63
C PRO A 342 3.62 -12.11 -3.15
N ILE A 343 4.13 -11.66 -2.00
CA ILE A 343 3.63 -10.48 -1.31
C ILE A 343 4.68 -9.38 -1.40
N LYS A 344 4.27 -8.22 -1.91
CA LYS A 344 5.14 -7.06 -2.05
C LYS A 344 5.16 -6.24 -0.76
N PRO A 345 6.33 -5.88 -0.26
CA PRO A 345 6.40 -5.12 0.99
C PRO A 345 5.98 -3.67 0.80
N LEU A 346 6.10 -2.89 1.87
CA LEU A 346 5.74 -1.48 1.88
C LEU A 346 7.01 -0.64 1.95
N SER A 347 7.11 0.33 1.05
CA SER A 347 8.25 1.25 1.03
C SER A 347 7.93 2.44 1.94
N VAL A 348 8.79 2.67 2.93
CA VAL A 348 8.64 3.76 3.88
C VAL A 348 9.89 4.62 3.81
N GLU A 349 9.73 5.88 3.40
CA GLU A 349 10.85 6.80 3.26
C GLU A 349 10.59 8.05 4.10
N ILE A 350 11.65 8.50 4.77
CA ILE A 350 11.59 9.72 5.58
C ILE A 350 12.05 10.87 4.68
N VAL A 351 11.09 11.61 4.13
CA VAL A 351 11.43 12.74 3.27
C VAL A 351 12.01 13.88 4.10
N SER A 352 11.40 14.18 5.25
CA SER A 352 11.86 15.25 6.12
C SER A 352 11.82 14.79 7.56
N ASP A 353 12.63 15.45 8.39
CA ASP A 353 12.68 15.15 9.82
C ASP A 353 13.38 16.30 10.54
N ASN A 354 13.32 16.26 11.86
CA ASN A 354 14.02 17.20 12.71
C ASN A 354 14.96 16.45 13.66
N TRP A 355 15.03 15.14 13.53
CA TRP A 355 15.80 14.34 14.47
C TRP A 355 17.29 14.64 14.36
N THR A 356 17.97 14.63 15.51
CA THR A 356 19.42 14.65 15.53
C THR A 356 19.96 13.26 15.19
N SER A 357 21.24 13.22 14.82
CA SER A 357 21.84 11.96 14.42
C SER A 357 21.89 10.95 15.57
N GLU A 358 21.96 11.43 16.81
CA GLU A 358 22.06 10.53 17.94
C GLU A 358 20.77 9.73 18.14
N GLU A 359 19.62 10.35 17.93
CA GLU A 359 18.32 9.73 18.17
C GLU A 359 17.71 9.11 16.92
N TYR A 360 18.42 9.14 15.79
CA TYR A 360 17.84 8.72 14.53
C TYR A 360 17.37 7.26 14.55
N TYR A 361 18.23 6.36 15.03
CA TYR A 361 17.89 4.94 15.03
C TYR A 361 16.61 4.69 15.82
N HIS A 362 16.55 5.22 17.05
CA HIS A 362 15.39 5.00 17.88
C HIS A 362 14.14 5.61 17.26
N ASN A 363 14.24 6.83 16.75
CA ASN A 363 13.06 7.50 16.21
C ASN A 363 12.53 6.79 14.97
N VAL A 364 13.43 6.40 14.06
CA VAL A 364 12.96 5.73 12.84
C VAL A 364 12.37 4.37 13.19
N HIS A 365 12.97 3.65 14.14
CA HIS A 365 12.37 2.37 14.49
C HIS A 365 11.03 2.56 15.17
N GLU A 366 10.88 3.64 15.96
CA GLU A 366 9.58 3.91 16.58
C GLU A 366 8.51 4.15 15.52
N ILE A 367 8.82 4.98 14.52
CA ILE A 367 7.80 5.25 13.51
C ILE A 367 7.51 3.99 12.68
N LEU A 368 8.53 3.15 12.45
CA LEU A 368 8.26 1.92 11.69
C LEU A 368 7.39 0.93 12.49
N ASP A 369 7.69 0.75 13.78
CA ASP A 369 6.81 -0.10 14.60
C ASP A 369 5.41 0.47 14.67
N GLU A 370 5.28 1.80 14.74
CA GLU A 370 3.93 2.36 14.82
C GLU A 370 3.19 2.21 13.50
N ILE A 371 3.89 2.26 12.37
CA ILE A 371 3.23 1.98 11.09
C ILE A 371 2.77 0.53 11.04
N TYR A 372 3.60 -0.40 11.54
CA TYR A 372 3.19 -1.80 11.60
C TYR A 372 1.98 -1.98 12.52
N TYR A 373 1.96 -1.28 13.64
CA TYR A 373 0.85 -1.41 14.59
C TYR A 373 -0.45 -0.87 14.01
N LEU A 374 -0.41 0.34 13.44
CA LEU A 374 -1.61 0.88 12.82
C LEU A 374 -1.95 0.21 11.50
N SER A 375 -1.10 -0.69 11.00
CA SER A 375 -1.54 -1.57 9.93
C SER A 375 -2.64 -2.51 10.40
N LYS A 376 -2.60 -2.95 11.66
CA LYS A 376 -3.53 -3.92 12.20
C LYS A 376 -4.82 -3.29 12.73
N MET A 377 -4.94 -1.97 12.70
CA MET A 377 -6.14 -1.29 13.16
C MET A 377 -7.19 -1.12 12.08
N ASN A 378 -6.97 -1.68 10.90
CA ASN A 378 -7.99 -1.65 9.86
C ASN A 378 -9.16 -2.53 10.27
N TRP A 379 -10.37 -2.03 10.09
CA TRP A 379 -11.57 -2.69 10.61
C TRP A 379 -12.55 -3.11 9.53
N ARG A 380 -12.09 -3.26 8.28
CA ARG A 380 -12.98 -3.76 7.25
C ARG A 380 -13.20 -5.26 7.35
N GLY A 381 -12.36 -5.97 8.07
CA GLY A 381 -12.48 -7.41 8.18
C GLY A 381 -11.41 -7.95 9.10
N PHE A 382 -11.34 -9.29 9.15
CA PHE A 382 -10.39 -9.93 10.06
C PHE A 382 -8.97 -9.85 9.53
N ARG A 383 -8.79 -9.92 8.22
CA ARG A 383 -7.49 -9.71 7.60
C ARG A 383 -7.33 -8.23 7.26
N SER A 384 -6.29 -7.61 7.80
CA SER A 384 -6.11 -6.17 7.67
C SER A 384 -5.37 -5.83 6.37
N ARG A 385 -5.70 -4.65 5.83
CA ARG A 385 -5.05 -4.16 4.64
C ARG A 385 -3.58 -3.87 4.92
N ASN A 386 -2.74 -4.04 3.89
CA ASN A 386 -1.31 -3.79 4.04
C ASN A 386 -1.04 -2.34 4.41
N LEU A 387 -1.87 -1.41 3.95
CA LEU A 387 -1.69 -0.02 4.33
C LEU A 387 -1.99 0.18 5.81
N PRO A 388 -1.27 1.07 6.48
CA PRO A 388 -1.70 1.49 7.82
C PRO A 388 -2.93 2.38 7.75
N VAL A 389 -3.61 2.48 8.90
CA VAL A 389 -4.85 3.24 8.96
C VAL A 389 -4.65 4.67 8.49
N THR A 390 -3.54 5.29 8.88
CA THR A 390 -3.34 6.71 8.64
C THR A 390 -3.37 7.06 7.16
N VAL A 391 -2.97 6.13 6.29
CA VAL A 391 -3.06 6.35 4.85
C VAL A 391 -4.16 5.52 4.22
N ASN A 392 -4.59 4.42 4.84
CA ASN A 392 -5.66 3.61 4.27
C ASN A 392 -6.99 4.33 4.33
N TYR A 393 -7.35 4.87 5.50
CA TYR A 393 -8.65 5.52 5.65
C TYR A 393 -8.81 6.75 4.77
N PRO A 394 -7.88 7.71 4.73
CA PRO A 394 -8.09 8.87 3.85
C PRO A 394 -8.19 8.49 2.38
N LYS A 395 -7.50 7.44 1.94
CA LYS A 395 -7.63 6.99 0.56
C LYS A 395 -9.06 6.53 0.29
N LEU A 396 -9.65 5.76 1.20
CA LEU A 396 -11.03 5.32 1.06
C LEU A 396 -11.98 6.52 1.04
N VAL A 397 -11.77 7.48 1.94
CA VAL A 397 -12.63 8.65 2.00
C VAL A 397 -12.54 9.45 0.70
N ALA A 398 -11.32 9.66 0.20
CA ALA A 398 -11.16 10.40 -1.04
C ALA A 398 -11.82 9.69 -2.20
N GLY A 399 -11.66 8.37 -2.29
CA GLY A 399 -12.33 7.62 -3.34
C GLY A 399 -13.84 7.75 -3.27
N ILE A 400 -14.41 7.59 -2.08
CA ILE A 400 -15.86 7.65 -1.92
C ILE A 400 -16.37 9.04 -2.28
N ILE A 401 -15.71 10.08 -1.78
CA ILE A 401 -16.19 11.44 -2.02
C ILE A 401 -16.07 11.81 -3.49
N ALA A 402 -14.94 11.49 -4.12
CA ALA A 402 -14.78 11.79 -5.54
C ALA A 402 -15.79 11.04 -6.38
N ASN A 403 -16.04 9.76 -6.06
CA ASN A 403 -17.02 9.00 -6.80
C ASN A 403 -18.43 9.56 -6.62
N VAL A 404 -18.76 10.00 -5.40
CA VAL A 404 -20.06 10.61 -5.18
C VAL A 404 -20.19 11.90 -5.97
N ASN A 405 -19.13 12.71 -6.01
CA ASN A 405 -19.18 13.95 -6.77
C ASN A 405 -19.35 13.68 -8.26
N ARG A 406 -18.64 12.68 -8.79
CA ARG A 406 -18.70 12.41 -10.23
C ARG A 406 -20.01 11.72 -10.62
N TYR A 407 -20.63 10.98 -9.70
CA TYR A 407 -21.84 10.25 -10.00
C TYR A 407 -23.10 11.00 -9.57
N GLY A 408 -22.98 12.25 -9.13
CA GLY A 408 -24.13 13.04 -8.78
C GLY A 408 -24.81 12.68 -7.48
N GLY A 409 -24.10 12.04 -6.56
CA GLY A 409 -24.67 11.69 -5.28
C GLY A 409 -24.83 12.91 -4.38
N TYR A 410 -25.40 12.66 -3.21
CA TYR A 410 -25.60 13.73 -2.24
C TYR A 410 -24.25 14.22 -1.73
N PRO A 411 -24.02 15.54 -1.69
CA PRO A 411 -22.71 16.04 -1.27
C PRO A 411 -22.35 15.59 0.13
N ILE A 412 -21.07 15.27 0.32
CA ILE A 412 -20.55 14.84 1.62
C ILE A 412 -19.61 15.94 2.11
N ASN A 413 -19.99 16.59 3.19
CA ASN A 413 -19.17 17.64 3.81
C ASN A 413 -18.83 17.20 5.22
N PRO A 414 -17.65 16.60 5.43
CA PRO A 414 -17.30 16.15 6.79
C PRO A 414 -17.28 17.27 7.80
N GLU A 415 -16.92 18.49 7.39
CA GLU A 415 -16.80 19.59 8.35
C GLU A 415 -18.12 19.92 9.03
N GLY A 416 -19.25 19.76 8.33
CA GLY A 416 -20.54 20.07 8.92
C GLY A 416 -20.92 19.14 10.06
N ASN A 417 -20.72 17.83 9.87
CA ASN A 417 -21.20 16.82 10.80
C ASN A 417 -20.05 16.24 11.59
N ARG A 418 -20.19 16.25 12.92
CA ARG A 418 -19.16 15.68 13.79
C ARG A 418 -19.04 14.17 13.59
N SER A 419 -20.18 13.49 13.41
CA SER A 419 -20.15 12.06 13.18
C SER A 419 -19.38 11.71 11.91
N LEU A 420 -19.30 12.65 10.96
CA LEU A 420 -18.54 12.40 9.74
C LEU A 420 -17.05 12.28 10.03
N GLN A 421 -16.53 13.12 10.94
CA GLN A 421 -15.14 12.93 11.35
C GLN A 421 -14.98 11.75 12.29
N THR A 422 -15.97 11.48 13.13
CA THR A 422 -15.77 10.58 14.27
C THR A 422 -16.31 9.18 14.07
N ASN A 423 -16.87 8.85 12.90
CA ASN A 423 -17.40 7.51 12.70
C ASN A 423 -16.93 6.93 11.38
N PRO A 424 -16.53 5.65 11.36
CA PRO A 424 -15.92 5.05 10.17
C PRO A 424 -16.96 4.66 9.11
N TRP A 425 -17.67 5.66 8.57
CA TRP A 425 -18.64 5.38 7.52
C TRP A 425 -17.97 4.89 6.24
N PHE A 426 -16.69 5.17 6.07
CA PHE A 426 -15.94 4.86 4.86
C PHE A 426 -15.47 3.42 4.80
N LEU A 427 -15.54 2.68 5.91
CA LEU A 427 -14.96 1.35 5.99
C LEU A 427 -15.57 0.41 4.96
N SER B 41 16.81 -15.75 13.37
CA SER B 41 17.81 -15.37 12.38
C SER B 41 17.51 -16.02 11.04
N GLY B 42 17.86 -15.33 9.97
CA GLY B 42 17.59 -15.82 8.62
C GLY B 42 18.16 -14.86 7.61
N ILE B 43 18.01 -15.24 6.34
CA ILE B 43 18.52 -14.47 5.21
C ILE B 43 17.35 -14.08 4.32
N LEU B 44 17.34 -12.82 3.90
CA LEU B 44 16.32 -12.29 3.02
C LEU B 44 16.97 -11.83 1.72
N TYR B 45 16.22 -11.94 0.63
CA TYR B 45 16.70 -11.57 -0.69
C TYR B 45 15.80 -10.46 -1.24
N ILE B 46 16.41 -9.51 -1.95
CA ILE B 46 15.76 -8.24 -2.23
C ILE B 46 15.41 -8.04 -3.69
N ASN B 47 16.03 -8.80 -4.61
CA ASN B 47 15.96 -8.73 -6.09
C ASN B 47 16.83 -7.60 -6.62
N ILE B 48 17.61 -6.94 -5.76
CA ILE B 48 18.65 -6.04 -6.20
C ILE B 48 19.89 -6.86 -6.48
N TYR B 49 20.45 -6.72 -7.68
CA TYR B 49 21.54 -7.56 -8.09
C TYR B 49 22.85 -6.79 -7.99
N PRO B 50 23.72 -7.14 -7.04
CA PRO B 50 24.83 -6.25 -6.69
C PRO B 50 25.87 -6.12 -7.79
N ILE B 51 26.57 -5.01 -7.76
CA ILE B 51 27.65 -4.70 -8.69
C ILE B 51 28.92 -4.60 -7.86
N VAL B 52 29.74 -5.66 -7.89
CA VAL B 52 30.88 -5.75 -6.99
C VAL B 52 32.15 -5.09 -7.54
N ASN B 53 32.12 -4.60 -8.77
CA ASN B 53 33.29 -3.94 -9.35
C ASN B 53 32.84 -2.82 -10.28
N TYR B 54 33.51 -1.68 -10.17
CA TYR B 54 33.31 -0.56 -11.06
C TYR B 54 34.51 0.36 -10.95
N PRO B 55 34.74 1.21 -11.95
CA PRO B 55 35.89 2.14 -11.87
C PRO B 55 35.75 3.07 -10.67
N GLU B 56 36.88 3.34 -10.02
CA GLU B 56 36.87 4.26 -8.89
C GLU B 56 36.68 5.70 -9.35
N THR B 57 37.31 6.07 -10.47
CA THR B 57 37.15 7.39 -11.06
C THR B 57 36.78 7.24 -12.53
N ILE B 58 36.02 8.21 -13.04
CA ILE B 58 35.56 8.19 -14.41
C ILE B 58 35.83 9.54 -15.06
N LYS B 59 35.94 9.52 -16.39
CA LYS B 59 36.19 10.72 -17.17
C LYS B 59 34.86 11.46 -17.36
N VAL B 60 34.75 12.64 -16.75
CA VAL B 60 33.54 13.44 -16.83
C VAL B 60 33.91 14.84 -17.32
N SER B 61 33.19 15.32 -18.34
CA SER B 61 33.43 16.63 -18.93
C SER B 61 32.16 17.46 -18.76
N ALA B 62 32.19 18.41 -17.84
CA ALA B 62 31.04 19.26 -17.57
C ALA B 62 31.07 20.46 -18.50
N ILE B 63 29.95 20.69 -19.20
CA ILE B 63 29.82 21.81 -20.12
C ILE B 63 28.54 22.55 -19.78
N PRO B 64 28.48 23.85 -20.12
CA PRO B 64 27.26 24.62 -19.84
C PRO B 64 26.05 24.03 -20.55
N TYR B 65 24.92 24.04 -19.85
CA TYR B 65 23.68 23.54 -20.42
C TYR B 65 23.17 24.50 -21.49
N TYR B 66 22.45 23.96 -22.46
CA TYR B 66 21.86 24.77 -23.52
C TYR B 66 20.48 24.21 -23.86
N GLU B 67 19.66 25.07 -24.48
CA GLU B 67 18.31 24.68 -24.84
C GLU B 67 18.28 23.66 -25.98
N GLU B 68 19.34 23.59 -26.79
CA GLU B 68 19.41 22.65 -27.89
C GLU B 68 19.97 21.30 -27.47
N PHE B 69 19.88 20.97 -26.18
CA PHE B 69 20.44 19.72 -25.69
C PHE B 69 19.56 18.55 -26.10
N LEU B 70 20.17 17.52 -26.69
CA LEU B 70 19.46 16.31 -27.06
C LEU B 70 19.70 15.26 -26.00
N PRO B 71 18.71 14.90 -25.18
CA PRO B 71 18.95 13.93 -24.12
C PRO B 71 19.17 12.53 -24.65
N GLY B 72 20.40 12.07 -24.61
CA GLY B 72 20.73 10.72 -25.03
C GLY B 72 21.75 10.08 -24.12
N LYS B 73 22.31 8.96 -24.53
CA LYS B 73 23.33 8.32 -23.73
C LYS B 73 24.67 9.04 -23.88
N TRP B 74 25.56 8.77 -22.93
CA TRP B 74 26.89 9.38 -22.81
C TRP B 74 26.83 10.88 -22.50
N LYS B 75 25.67 11.39 -22.07
N LYS B 75 25.68 11.38 -22.06
CA LYS B 75 25.55 12.77 -21.64
CA LYS B 75 25.52 12.78 -21.66
C LYS B 75 24.38 12.88 -20.68
C LYS B 75 24.37 12.89 -20.68
N LYS B 76 24.56 13.70 -19.64
CA LYS B 76 23.55 13.89 -18.62
C LYS B 76 23.46 15.38 -18.29
N ARG B 77 22.28 15.80 -17.83
CA ARG B 77 22.07 17.16 -17.36
C ARG B 77 21.92 17.15 -15.85
N ILE B 78 22.72 17.96 -15.16
CA ILE B 78 22.59 18.18 -13.72
C ILE B 78 22.65 19.69 -13.51
N GLY B 79 21.49 20.33 -13.48
CA GLY B 79 21.45 21.78 -13.33
C GLY B 79 21.81 22.45 -14.63
N ASP B 80 22.72 23.42 -14.56
CA ASP B 80 23.21 24.13 -15.74
C ASP B 80 24.43 23.47 -16.37
N LEU B 81 24.84 22.31 -15.86
CA LEU B 81 26.01 21.62 -16.36
C LEU B 81 25.60 20.31 -17.03
N ILE B 82 26.10 20.08 -18.24
CA ILE B 82 25.92 18.83 -18.95
C ILE B 82 27.20 18.02 -18.82
N TYR B 83 27.11 16.82 -18.28
CA TYR B 83 28.27 15.99 -18.01
C TYR B 83 28.38 14.90 -19.06
N LEU B 84 29.54 14.84 -19.72
CA LEU B 84 29.83 13.82 -20.72
C LEU B 84 30.62 12.69 -20.09
N TYR B 85 30.25 11.46 -20.43
CA TYR B 85 30.86 10.29 -19.82
C TYR B 85 30.99 9.20 -20.86
N GLY B 86 31.89 8.25 -20.59
CA GLY B 86 32.13 7.16 -21.51
C GLY B 86 32.67 7.65 -22.83
N TYR B 87 32.05 7.21 -23.93
CA TYR B 87 32.45 7.64 -25.26
C TYR B 87 32.01 9.06 -25.59
N GLY B 88 31.21 9.68 -24.73
CA GLY B 88 30.76 11.04 -24.97
C GLY B 88 31.72 12.14 -24.56
N ILE B 89 32.85 11.78 -23.93
CA ILE B 89 33.79 12.80 -23.49
C ILE B 89 34.44 13.46 -24.71
N GLU B 90 35.05 14.63 -24.45
CA GLU B 90 35.64 15.45 -25.51
C GLU B 90 37.01 15.99 -25.08
N ASN B 91 37.73 15.21 -24.26
CA ASN B 91 39.12 15.32 -23.82
C ASN B 91 39.37 16.43 -22.81
N GLU B 92 38.35 17.10 -22.30
CA GLU B 92 38.47 17.97 -21.12
C GLU B 92 37.88 17.32 -19.89
N PHE B 93 38.07 16.01 -19.76
CA PHE B 93 37.44 15.23 -18.70
C PHE B 93 37.93 15.66 -17.32
N ASP B 94 37.12 15.36 -16.32
CA ASP B 94 37.46 15.59 -14.91
C ASP B 94 37.30 14.29 -14.16
N GLU B 95 38.34 13.88 -13.44
CA GLU B 95 38.33 12.64 -12.68
C GLU B 95 37.55 12.84 -11.39
N ILE B 96 36.43 12.14 -11.25
CA ILE B 96 35.60 12.21 -10.06
C ILE B 96 35.46 10.81 -9.48
N ASP B 97 35.66 10.69 -8.17
CA ASP B 97 35.58 9.41 -7.49
C ASP B 97 34.22 9.21 -6.84
N ASN B 98 34.02 8.01 -6.28
CA ASN B 98 32.73 7.67 -5.70
C ASN B 98 32.44 8.45 -4.42
N SER B 99 33.44 9.12 -3.84
CA SER B 99 33.19 9.97 -2.68
C SER B 99 32.34 11.18 -3.05
N ASN B 100 32.45 11.67 -4.27
CA ASN B 100 31.64 12.78 -4.73
C ASN B 100 30.18 12.37 -4.81
N ALA B 101 29.29 13.34 -4.59
CA ALA B 101 27.86 13.11 -4.78
C ALA B 101 27.45 13.14 -6.24
N LEU B 102 28.27 13.75 -7.09
CA LEU B 102 28.03 13.73 -8.54
C LEU B 102 28.19 12.33 -9.11
N PHE B 103 29.09 11.55 -8.50
CA PHE B 103 29.40 10.22 -9.01
C PHE B 103 28.20 9.30 -8.98
N GLY B 104 27.40 9.37 -7.91
CA GLY B 104 26.28 8.45 -7.80
C GLY B 104 25.31 8.57 -8.96
N LYS B 105 24.92 9.79 -9.30
CA LYS B 105 23.96 9.99 -10.37
C LYS B 105 24.58 9.77 -11.75
N ILE B 106 25.79 10.29 -11.97
CA ILE B 106 26.42 10.08 -13.28
C ILE B 106 26.65 8.59 -13.50
N PHE B 107 27.02 7.86 -12.45
CA PHE B 107 27.26 6.42 -12.57
C PHE B 107 25.97 5.63 -12.70
N ARG B 108 24.88 6.10 -12.09
CA ARG B 108 23.58 5.49 -12.37
C ARG B 108 23.29 5.51 -13.86
N LYS B 109 23.39 6.69 -14.47
CA LYS B 109 23.13 6.75 -15.91
C LYS B 109 24.19 6.01 -16.70
N TYR B 110 25.42 5.96 -16.18
CA TYR B 110 26.50 5.22 -16.84
C TYR B 110 26.18 3.74 -16.92
N LEU B 111 25.73 3.16 -15.81
CA LEU B 111 25.32 1.76 -15.81
C LEU B 111 24.13 1.54 -16.73
N LEU B 112 23.15 2.45 -16.71
CA LEU B 112 22.02 2.30 -17.63
C LEU B 112 22.47 2.30 -19.08
N ASP B 113 23.47 3.12 -19.43
CA ASP B 113 23.95 3.18 -20.80
C ASP B 113 24.78 1.96 -21.16
N ILE B 114 25.66 1.52 -20.25
CA ILE B 114 26.56 0.42 -20.56
C ILE B 114 25.79 -0.88 -20.74
N LEU B 115 24.86 -1.17 -19.83
CA LEU B 115 24.07 -2.39 -19.93
C LEU B 115 23.16 -2.39 -21.15
N SER B 116 22.89 -1.23 -21.74
CA SER B 116 22.06 -1.16 -22.93
C SER B 116 22.76 -1.66 -24.18
N GLU B 117 24.08 -1.89 -24.12
CA GLU B 117 24.84 -2.34 -25.27
C GLU B 117 25.31 -3.78 -25.13
N ASN B 118 24.83 -4.51 -24.14
CA ASN B 118 25.16 -5.92 -23.95
C ASN B 118 23.91 -6.80 -24.02
N ILE B 119 22.87 -6.31 -24.70
CA ILE B 119 21.63 -7.07 -24.81
C ILE B 119 21.84 -8.24 -25.77
N ALA B 120 21.44 -9.43 -25.34
CA ALA B 120 21.55 -10.61 -26.18
C ALA B 120 20.57 -10.54 -27.35
N THR B 121 20.73 -11.46 -28.29
CA THR B 121 19.89 -11.46 -29.49
C THR B 121 18.41 -11.69 -29.20
N PRO B 122 17.99 -12.65 -28.37
CA PRO B 122 16.54 -12.86 -28.19
C PRO B 122 15.83 -11.68 -27.53
N TRP B 123 16.57 -10.82 -26.83
CA TRP B 123 16.00 -9.65 -26.18
C TRP B 123 16.21 -8.42 -27.04
N GLN B 124 15.27 -7.47 -26.94
CA GLN B 124 15.33 -6.25 -27.71
C GLN B 124 15.20 -5.05 -26.78
N LEU B 125 15.89 -3.98 -27.13
CA LEU B 125 15.83 -2.74 -26.36
C LEU B 125 14.48 -2.07 -26.57
N LYS B 126 13.71 -1.94 -25.50
CA LYS B 126 12.40 -1.29 -25.59
C LYS B 126 12.52 0.21 -25.41
N GLU B 127 13.03 0.65 -24.25
CA GLU B 127 13.23 2.06 -23.98
C GLU B 127 14.41 2.22 -23.03
N LEU B 128 15.25 3.22 -23.31
CA LEU B 128 16.38 3.56 -22.45
C LEU B 128 16.15 4.96 -21.88
N GLY B 129 16.36 5.08 -20.58
CA GLY B 129 16.12 6.33 -19.87
C GLY B 129 16.48 6.18 -18.41
N SER B 130 15.60 6.63 -17.52
CA SER B 130 15.81 6.38 -16.09
C SER B 130 15.81 4.89 -15.79
N THR B 131 15.10 4.10 -16.59
CA THR B 131 15.10 2.65 -16.48
C THR B 131 15.42 2.04 -17.83
N LEU B 132 16.02 0.85 -17.80
CA LEU B 132 16.36 0.10 -19.00
C LEU B 132 15.29 -0.97 -19.22
N ARG B 133 14.60 -0.89 -20.34
CA ARG B 133 13.49 -1.78 -20.66
C ARG B 133 13.93 -2.76 -21.74
N LEU B 134 13.88 -4.04 -21.43
CA LEU B 134 14.17 -5.11 -22.38
C LEU B 134 12.94 -5.98 -22.53
N VAL B 135 12.58 -6.29 -23.77
CA VAL B 135 11.42 -7.12 -24.05
C VAL B 135 11.87 -8.38 -24.79
N LYS B 136 11.07 -9.42 -24.65
CA LYS B 136 11.35 -10.69 -25.32
C LYS B 136 10.04 -11.44 -25.50
N GLU B 137 9.71 -11.78 -26.74
CA GLU B 137 8.51 -12.55 -27.01
C GLU B 137 8.61 -13.92 -26.34
N ILE B 138 7.55 -14.31 -25.64
CA ILE B 138 7.52 -15.61 -24.96
C ILE B 138 7.26 -16.68 -26.01
N THR B 139 8.30 -17.45 -26.32
CA THR B 139 8.20 -18.51 -27.31
C THR B 139 7.95 -19.88 -26.68
N GLU B 140 7.80 -19.94 -25.37
CA GLU B 140 7.42 -21.19 -24.72
C GLU B 140 5.99 -21.57 -25.10
N ASN B 141 5.64 -22.81 -24.80
CA ASN B 141 4.35 -23.35 -25.24
C ASN B 141 3.23 -22.83 -24.34
N TYR B 142 2.35 -22.03 -24.93
CA TYR B 142 1.12 -21.63 -24.26
C TYR B 142 0.02 -21.52 -25.32
N GLU B 143 -1.19 -21.90 -24.94
CA GLU B 143 -2.27 -21.95 -25.90
C GLU B 143 -2.67 -20.55 -26.35
N PHE B 144 -3.14 -20.47 -27.59
CA PHE B 144 -3.51 -19.20 -28.22
C PHE B 144 -2.31 -18.26 -28.34
N SER B 145 -1.12 -18.84 -28.47
CA SER B 145 0.07 -18.05 -28.77
C SER B 145 0.04 -17.49 -30.18
N ASN B 146 -0.78 -18.06 -31.07
CA ASN B 146 -0.90 -17.59 -32.43
C ASN B 146 -1.77 -16.34 -32.56
N ILE B 147 -2.50 -15.98 -31.52
CA ILE B 147 -3.32 -14.77 -31.55
C ILE B 147 -2.96 -13.78 -30.46
N ILE B 148 -2.40 -14.23 -29.34
CA ILE B 148 -2.02 -13.35 -28.24
C ILE B 148 -0.52 -13.45 -28.06
N LYS B 149 0.18 -12.33 -28.23
CA LYS B 149 1.63 -12.26 -28.11
C LYS B 149 1.96 -11.82 -26.69
N LEU B 150 2.31 -12.78 -25.84
CA LEU B 150 2.82 -12.49 -24.51
C LEU B 150 4.33 -12.31 -24.60
N GLN B 151 4.83 -11.22 -24.03
CA GLN B 151 6.26 -10.98 -23.99
C GLN B 151 6.68 -10.54 -22.60
N TYR B 152 7.91 -10.87 -22.24
CA TYR B 152 8.47 -10.43 -20.97
C TYR B 152 8.89 -8.97 -21.05
N GLU B 153 9.13 -8.39 -19.88
CA GLU B 153 9.60 -7.01 -19.79
C GLU B 153 10.47 -6.88 -18.56
N LEU B 154 11.78 -6.75 -18.76
CA LEU B 154 12.72 -6.53 -17.66
C LEU B 154 12.89 -5.03 -17.46
N ILE B 155 12.39 -4.52 -16.35
CA ILE B 155 12.59 -3.13 -15.97
C ILE B 155 13.80 -3.06 -15.06
N ILE B 156 14.84 -2.38 -15.51
CA ILE B 156 16.15 -2.40 -14.88
C ILE B 156 16.49 -1.01 -14.38
N ASN B 157 16.85 -0.92 -13.11
CA ASN B 157 17.22 0.35 -12.50
C ASN B 157 18.35 0.10 -11.51
N VAL B 158 19.03 1.17 -11.14
CA VAL B 158 20.20 1.11 -10.27
C VAL B 158 19.79 1.56 -8.88
N HIS B 159 20.18 0.79 -7.87
CA HIS B 159 20.02 1.18 -6.48
C HIS B 159 21.40 1.41 -5.89
N HIS B 160 21.61 2.60 -5.34
N HIS B 160 21.63 2.60 -5.34
CA HIS B 160 22.86 3.02 -4.73
CA HIS B 160 22.93 2.90 -4.74
C HIS B 160 22.61 3.28 -3.25
C HIS B 160 22.71 3.35 -3.30
N TRP B 161 23.51 2.78 -2.40
CA TRP B 161 23.37 3.00 -0.97
C TRP B 161 24.72 2.90 -0.30
N GLN B 162 24.82 3.46 0.90
CA GLN B 162 26.05 3.52 1.68
C GLN B 162 27.16 4.27 0.95
N ASN B 163 26.80 5.08 -0.04
CA ASN B 163 27.66 6.07 -0.68
C ASN B 163 28.69 5.37 -1.56
N THR B 164 28.76 4.04 -1.48
CA THR B 164 29.71 3.30 -2.30
C THR B 164 29.14 2.05 -2.94
N ASN B 165 28.01 1.53 -2.46
CA ASN B 165 27.45 0.28 -2.93
C ASN B 165 26.42 0.57 -4.02
N PHE B 166 26.63 -0.03 -5.19
CA PHE B 166 25.69 0.08 -6.30
C PHE B 166 25.08 -1.28 -6.58
N GLY B 167 23.97 -1.28 -7.29
CA GLY B 167 23.26 -2.51 -7.59
C GLY B 167 22.29 -2.30 -8.73
N ILE B 168 21.69 -3.40 -9.16
CA ILE B 168 20.75 -3.40 -10.28
C ILE B 168 19.42 -3.94 -9.77
N ILE B 169 18.37 -3.13 -9.93
CA ILE B 169 17.01 -3.55 -9.58
C ILE B 169 16.35 -4.09 -10.83
N VAL B 170 15.98 -5.37 -10.82
CA VAL B 170 15.30 -5.99 -11.94
C VAL B 170 13.85 -6.26 -11.51
N ASP B 171 12.91 -5.73 -12.30
CA ASP B 171 11.48 -5.94 -12.09
C ASP B 171 10.90 -6.51 -13.38
N LEU B 172 10.13 -7.58 -13.26
CA LEU B 172 9.59 -8.28 -14.42
C LEU B 172 8.11 -7.97 -14.59
N LYS B 173 7.73 -7.63 -15.80
CA LYS B 173 6.33 -7.48 -16.19
C LYS B 173 6.09 -8.28 -17.46
N ILE B 174 4.83 -8.63 -17.69
CA ILE B 174 4.42 -9.35 -18.88
C ILE B 174 3.54 -8.43 -19.70
N ASN B 175 3.90 -8.24 -20.96
CA ASN B 175 3.14 -7.39 -21.87
C ASN B 175 2.26 -8.29 -22.74
N ILE B 176 0.96 -8.03 -22.73
CA ILE B 176 0.00 -8.79 -23.50
C ILE B 176 -0.30 -7.99 -24.77
N LEU B 177 0.08 -8.55 -25.92
CA LEU B 177 -0.08 -7.88 -27.20
C LEU B 177 -1.01 -8.69 -28.09
N ASP B 178 -1.95 -8.01 -28.72
CA ASP B 178 -2.82 -8.64 -29.70
C ASP B 178 -2.03 -8.85 -30.98
N ARG B 179 -1.78 -10.12 -31.32
CA ARG B 179 -0.70 -10.43 -32.26
C ARG B 179 -0.98 -9.94 -33.67
N GLU B 180 -2.25 -9.80 -34.06
CA GLU B 180 -2.53 -9.39 -35.44
C GLU B 180 -2.13 -7.93 -35.67
N ASN B 181 -2.43 -7.04 -34.73
CA ASN B 181 -2.00 -5.65 -34.82
C ASN B 181 -0.79 -5.35 -33.93
N ASN B 182 -0.33 -6.32 -33.15
CA ASN B 182 0.86 -6.19 -32.30
C ASN B 182 0.69 -5.08 -31.27
N GLN B 183 -0.55 -4.71 -30.96
CA GLN B 183 -0.83 -3.63 -30.03
C GLN B 183 -1.25 -4.16 -28.67
N ARG B 184 -1.00 -3.36 -27.64
CA ARG B 184 -1.19 -3.78 -26.27
C ARG B 184 -2.67 -4.03 -25.99
N ILE B 185 -2.97 -5.15 -25.31
CA ILE B 185 -4.35 -5.57 -25.10
C ILE B 185 -4.50 -6.05 -23.66
N SER B 186 -5.71 -5.89 -23.12
CA SER B 186 -6.02 -6.26 -21.74
C SER B 186 -6.96 -7.46 -21.70
N TYR B 187 -7.09 -8.03 -20.49
CA TYR B 187 -7.92 -9.22 -20.28
C TYR B 187 -9.35 -8.99 -20.75
N THR B 188 -9.93 -7.85 -20.39
CA THR B 188 -11.27 -7.53 -20.82
C THR B 188 -11.35 -7.42 -22.33
N LYS B 189 -10.36 -6.79 -22.95
CA LYS B 189 -10.33 -6.70 -24.41
C LYS B 189 -10.08 -8.05 -25.04
N ILE B 190 -9.28 -8.91 -24.40
CA ILE B 190 -9.10 -10.28 -24.88
C ILE B 190 -10.43 -11.01 -24.89
N LYS B 191 -11.20 -10.89 -23.80
CA LYS B 191 -12.50 -11.56 -23.74
C LYS B 191 -13.46 -10.99 -24.79
N ASP B 192 -13.40 -9.68 -25.01
CA ASP B 192 -14.26 -9.07 -26.02
C ASP B 192 -13.91 -9.55 -27.42
N LYS B 193 -12.62 -9.68 -27.72
CA LYS B 193 -12.18 -9.99 -29.08
C LYS B 193 -12.13 -11.47 -29.39
N TYR B 194 -12.00 -12.34 -28.38
CA TYR B 194 -11.78 -13.76 -28.62
C TYR B 194 -12.63 -14.69 -27.76
N GLY B 195 -13.33 -14.18 -26.76
CA GLY B 195 -14.22 -14.99 -25.95
C GLY B 195 -13.68 -15.24 -24.55
N GLU B 196 -14.50 -15.93 -23.76
CA GLU B 196 -14.19 -16.13 -22.36
C GLU B 196 -13.09 -17.18 -22.18
N SER B 197 -13.12 -18.26 -22.96
CA SER B 197 -12.13 -19.32 -22.80
C SER B 197 -10.73 -18.83 -23.11
N VAL B 198 -10.60 -18.03 -24.18
CA VAL B 198 -9.30 -17.45 -24.51
C VAL B 198 -8.81 -16.57 -23.37
N LYS B 199 -9.70 -15.74 -22.82
CA LYS B 199 -9.30 -14.85 -21.73
C LYS B 199 -8.85 -15.64 -20.52
N LYS B 200 -9.59 -16.69 -20.16
CA LYS B 200 -9.20 -17.50 -18.99
C LYS B 200 -7.86 -18.18 -19.22
N LYS B 201 -7.65 -18.74 -20.42
CA LYS B 201 -6.39 -19.39 -20.72
C LYS B 201 -5.22 -18.42 -20.65
N ILE B 202 -5.40 -17.23 -21.24
CA ILE B 202 -4.32 -16.24 -21.23
C ILE B 202 -4.06 -15.73 -19.83
N TRP B 203 -5.10 -15.52 -19.04
CA TRP B 203 -4.91 -15.11 -17.66
C TRP B 203 -4.10 -16.14 -16.89
N VAL B 204 -4.48 -17.41 -17.01
CA VAL B 204 -3.77 -18.46 -16.29
C VAL B 204 -2.32 -18.53 -16.77
N SER B 205 -2.09 -18.45 -18.08
CA SER B 205 -0.74 -18.54 -18.61
C SER B 205 0.11 -17.37 -18.15
N VAL B 206 -0.45 -16.17 -18.08
CA VAL B 206 0.31 -15.01 -17.62
C VAL B 206 0.67 -15.16 -16.15
N GLN B 207 -0.29 -15.56 -15.31
CA GLN B 207 0.02 -15.72 -13.90
C GLN B 207 0.95 -16.90 -13.64
N ALA B 208 1.02 -17.86 -14.56
CA ALA B 208 1.99 -18.95 -14.43
C ALA B 208 3.37 -18.53 -14.92
N PHE B 209 3.43 -17.68 -15.95
CA PHE B 209 4.72 -17.18 -16.41
C PHE B 209 5.35 -16.25 -15.38
N HIS B 210 4.53 -15.50 -14.65
CA HIS B 210 5.03 -14.77 -13.49
C HIS B 210 5.44 -15.70 -12.36
N ARG B 211 5.04 -16.97 -12.43
CA ARG B 211 5.29 -17.98 -11.40
C ARG B 211 4.62 -17.64 -10.08
N HIS B 212 3.60 -16.77 -10.13
CA HIS B 212 2.81 -16.49 -8.94
C HIS B 212 1.82 -17.60 -8.64
N LEU B 213 1.34 -18.30 -9.67
CA LEU B 213 0.40 -19.39 -9.54
C LEU B 213 0.90 -20.60 -10.32
N THR B 214 0.24 -21.73 -10.10
CA THR B 214 0.57 -22.94 -10.84
C THR B 214 0.11 -22.82 -12.29
N PRO B 215 0.67 -23.64 -13.19
CA PRO B 215 0.20 -23.60 -14.58
C PRO B 215 -1.27 -23.92 -14.75
N GLU B 216 -1.88 -24.63 -13.80
CA GLU B 216 -3.32 -24.87 -13.83
C GLU B 216 -4.12 -23.77 -13.14
N GLY B 217 -3.46 -22.77 -12.55
CA GLY B 217 -4.14 -21.61 -12.04
C GLY B 217 -4.36 -21.55 -10.55
N LYS B 218 -3.63 -22.33 -9.76
CA LYS B 218 -3.79 -22.35 -8.31
C LYS B 218 -2.53 -21.76 -7.66
N LYS B 219 -2.70 -21.28 -6.43
CA LYS B 219 -1.54 -20.87 -5.64
C LYS B 219 -0.79 -22.10 -5.13
N TYR B 220 0.48 -21.89 -4.76
CA TYR B 220 1.31 -23.01 -4.35
C TYR B 220 2.40 -22.50 -3.43
N ALA B 221 3.12 -23.44 -2.80
CA ALA B 221 3.97 -23.16 -1.66
C ALA B 221 5.33 -22.59 -2.03
N THR B 222 5.68 -22.50 -3.31
CA THR B 222 7.01 -22.07 -3.71
C THR B 222 6.94 -21.00 -4.79
N ALA B 223 5.91 -20.15 -4.75
CA ALA B 223 5.73 -19.16 -5.81
C ALA B 223 6.78 -18.06 -5.73
N MET B 224 7.16 -17.67 -4.51
CA MET B 224 8.09 -16.55 -4.36
C MET B 224 9.50 -16.97 -4.78
N ARG B 225 9.92 -18.17 -4.37
CA ARG B 225 11.20 -18.70 -4.79
C ARG B 225 11.25 -18.89 -6.30
N ASP B 226 10.17 -19.40 -6.89
CA ASP B 226 10.12 -19.54 -8.34
C ASP B 226 10.16 -18.17 -9.02
N LYS B 227 9.58 -17.16 -8.41
CA LYS B 227 9.64 -15.81 -9.00
C LYS B 227 11.07 -15.29 -9.02
N PHE B 228 11.80 -15.46 -7.92
CA PHE B 228 13.21 -15.07 -7.92
C PHE B 228 14.05 -15.89 -8.90
N ASN B 229 13.81 -17.20 -8.97
CA ASN B 229 14.52 -18.02 -9.95
C ASN B 229 14.25 -17.52 -11.37
N LEU B 230 12.99 -17.17 -11.65
CA LEU B 230 12.61 -16.64 -12.95
C LEU B 230 13.34 -15.34 -13.24
N LEU B 231 13.37 -14.43 -12.27
CA LEU B 231 14.03 -13.14 -12.46
C LEU B 231 15.53 -13.34 -12.75
N THR B 232 16.18 -14.20 -11.98
CA THR B 232 17.60 -14.44 -12.20
C THR B 232 17.85 -15.06 -13.56
N GLY B 233 17.02 -16.03 -13.96
CA GLY B 233 17.20 -16.66 -15.26
C GLY B 233 17.03 -15.69 -16.42
N LEU B 234 15.98 -14.87 -16.37
CA LEU B 234 15.78 -13.89 -17.44
C LEU B 234 16.86 -12.82 -17.45
N LEU B 235 17.36 -12.40 -16.28
CA LEU B 235 18.44 -11.43 -16.28
C LEU B 235 19.70 -12.03 -16.92
N LYS B 236 20.05 -13.26 -16.54
CA LYS B 236 21.20 -13.94 -17.12
C LYS B 236 21.05 -14.08 -18.63
N GLU B 237 19.87 -14.48 -19.08
CA GLU B 237 19.66 -14.67 -20.51
C GLU B 237 19.66 -13.34 -21.25
N ALA B 238 19.09 -12.30 -20.66
CA ALA B 238 19.01 -10.99 -21.30
C ALA B 238 20.40 -10.39 -21.51
N PHE B 239 21.28 -10.52 -20.52
CA PHE B 239 22.63 -10.01 -20.69
C PHE B 239 23.60 -11.05 -21.21
N GLY B 240 23.08 -12.11 -21.84
CA GLY B 240 23.94 -13.08 -22.49
C GLY B 240 24.85 -13.85 -21.57
N SER B 241 24.55 -13.87 -20.28
CA SER B 241 25.41 -14.51 -19.29
C SER B 241 24.96 -15.94 -19.04
N SER B 242 25.84 -16.88 -19.30
CA SER B 242 25.67 -18.26 -18.87
C SER B 242 26.30 -18.53 -17.52
N GLU B 243 26.85 -17.49 -16.88
CA GLU B 243 27.55 -17.59 -15.62
C GLU B 243 26.93 -16.63 -14.60
N ASP B 244 27.31 -16.81 -13.34
CA ASP B 244 26.86 -15.88 -12.30
C ASP B 244 27.46 -14.50 -12.52
N GLU B 245 28.78 -14.43 -12.72
CA GLU B 245 29.47 -13.16 -12.83
C GLU B 245 29.78 -12.85 -14.29
N LYS B 246 29.30 -11.70 -14.76
CA LYS B 246 29.63 -11.21 -16.08
C LYS B 246 30.31 -9.85 -15.97
N THR B 247 31.25 -9.60 -16.87
CA THR B 247 31.99 -8.36 -16.91
C THR B 247 31.61 -7.59 -18.17
N PHE B 248 31.50 -6.27 -18.05
CA PHE B 248 31.09 -5.41 -19.14
C PHE B 248 32.16 -4.36 -19.37
N SER B 249 32.47 -4.10 -20.64
CA SER B 249 33.53 -3.17 -21.00
C SER B 249 33.01 -1.74 -21.01
N THR B 250 33.79 -0.84 -20.42
CA THR B 250 33.48 0.58 -20.40
C THR B 250 34.79 1.34 -20.54
N PRO B 251 34.74 2.58 -21.04
CA PRO B 251 35.99 3.34 -21.20
C PRO B 251 36.78 3.50 -19.92
N ASP B 252 36.12 3.62 -18.77
CA ASP B 252 36.81 3.86 -17.50
C ASP B 252 37.23 2.57 -16.80
N GLY B 253 36.90 1.40 -17.35
CA GLY B 253 37.26 0.16 -16.72
C GLY B 253 36.35 -0.99 -17.07
N GLU B 254 35.89 -1.73 -16.07
CA GLU B 254 35.00 -2.86 -16.30
C GLU B 254 34.03 -2.98 -15.13
N ILE B 255 32.83 -3.47 -15.43
CA ILE B 255 31.75 -3.58 -14.46
C ILE B 255 31.40 -5.06 -14.30
N LYS B 256 31.39 -5.53 -13.05
CA LYS B 256 31.13 -6.94 -12.75
C LYS B 256 29.86 -7.03 -11.93
N ILE B 257 28.91 -7.85 -12.42
CA ILE B 257 27.63 -8.04 -11.76
C ILE B 257 27.51 -9.50 -11.33
N VAL B 258 26.82 -9.71 -10.21
CA VAL B 258 26.79 -11.03 -9.59
C VAL B 258 25.68 -11.93 -10.12
N PHE B 259 24.59 -11.36 -10.67
CA PHE B 259 23.47 -12.13 -11.18
C PHE B 259 22.95 -13.10 -10.12
N LYS B 260 22.92 -12.65 -8.88
CA LYS B 260 22.34 -13.36 -7.76
C LYS B 260 21.58 -12.36 -6.90
N PRO B 261 20.57 -12.81 -6.16
CA PRO B 261 19.88 -11.88 -5.25
C PRO B 261 20.79 -11.44 -4.12
N LEU B 262 20.55 -10.23 -3.64
CA LEU B 262 21.37 -9.67 -2.57
C LEU B 262 20.82 -10.09 -1.22
N GLU B 263 21.69 -10.67 -0.39
CA GLU B 263 21.30 -11.17 0.92
C GLU B 263 21.06 -10.02 1.89
N ILE B 264 20.08 -10.20 2.77
CA ILE B 264 19.77 -9.24 3.82
C ILE B 264 19.96 -9.92 5.16
N VAL B 265 20.70 -9.28 6.05
CA VAL B 265 21.13 -9.88 7.32
C VAL B 265 20.33 -9.26 8.46
N GLU B 266 20.08 -10.06 9.49
CA GLU B 266 19.36 -9.60 10.67
C GLU B 266 20.34 -8.95 11.63
N VAL B 267 20.08 -7.70 11.99
CA VAL B 267 20.91 -6.94 12.92
C VAL B 267 20.11 -6.75 14.21
N SER B 268 20.78 -6.93 15.34
CA SER B 268 20.14 -6.86 16.66
C SER B 268 20.67 -5.63 17.39
N ASN B 269 19.75 -4.81 17.88
CA ASN B 269 20.09 -3.63 18.66
C ASN B 269 18.98 -3.28 19.65
#